data_6YJI
#
_entry.id   6YJI
#
_cell.length_a   96.536
_cell.length_b   187.821
_cell.length_c   55.447
_cell.angle_alpha   90.000
_cell.angle_beta   90.000
_cell.angle_gamma   90.000
#
_symmetry.space_group_name_H-M   'P 21 21 2'
#
loop_
_entity.id
_entity.type
_entity.pdbx_description
1 polymer 'FAD-binding PCMH-type domain-containing protein'
2 branched 2-acetamido-2-deoxy-beta-D-glucopyranose-(1-4)-2-acetamido-2-deoxy-beta-D-glucopyranose
3 non-polymer 'FLAVIN-ADENINE DINUCLEOTIDE'
4 non-polymer 2-acetamido-2-deoxy-beta-D-glucopyranose
5 non-polymer 'THIOCYANATE ION'
6 non-polymer 'PENTAETHYLENE GLYCOL'
7 non-polymer 'CHLORIDE ION'
8 non-polymer 'TETRAETHYLENE GLYCOL'
9 non-polymer DI(HYDROXYETHYL)ETHER
10 water water
#
_entity_poly.entity_id   1
_entity_poly.type   'polypeptide(L)'
_entity_poly.pdbx_seq_one_letter_code
;VLAQNKADVISKCLDDAGIRNVIDTDSSWAQETVMFQKRLKPDPEAIAFPENSDEVASALKCARESKVKANALGPAHSFQ
GNGFGIPGNLVINMAAFDEVSYDKKSTLLTFGGGTHVGPVQKYLWDTAGRHVPHVRGAHVGVTGSSIGGGFGTTSRYLGT
PMDNLVEIQYMLYNGTIVNAKKGSDLFWAAQGAGASFGIILSTKTKTFKPQFDKAINFTLSMGDLTPEAGAKALVAIQDY
SLSKDCPDTWAFRWNIMAPPYDGTGYFYGNPSSFDSVMAPLVKKLKTISSNTAVKSTVLPWWDLEVAVAGPGMNQPNGGA
LGGRSFYTQSLTTTTDHPLTVKQAQILFEGTTLAFNRTDMTKFGYMDLWGGVSRSIKDSDTAYAHGKNLWLIRWDANAIG
AYPSDGISYMRASIKPFEDSLVKGGAKLRGFVNYADTELTEKEWSSRLYDGNFERLKQIKARYDPEGLFINHRQSIPLPA
AAHHHHHH
;
_entity_poly.pdbx_strand_id   A,B
#
# COMPACT_ATOMS: atom_id res chain seq x y z
N ALA A 3 -29.34 -11.91 35.69
CA ALA A 3 -30.40 -11.85 36.70
C ALA A 3 -31.60 -11.08 36.14
N GLN A 4 -32.81 -11.57 36.45
CA GLN A 4 -34.03 -10.98 35.91
C GLN A 4 -34.69 -10.00 36.88
N ASN A 5 -34.04 -9.67 37.99
CA ASN A 5 -34.39 -8.49 38.77
C ASN A 5 -33.30 -7.42 38.72
N LYS A 6 -32.31 -7.59 37.82
CA LYS A 6 -31.29 -6.57 37.63
C LYS A 6 -31.91 -5.24 37.24
N ALA A 7 -32.95 -5.29 36.39
CA ALA A 7 -33.62 -4.07 35.98
C ALA A 7 -34.18 -3.32 37.18
N ASP A 8 -34.71 -4.06 38.16
CA ASP A 8 -35.28 -3.44 39.35
C ASP A 8 -34.23 -2.69 40.16
N VAL A 9 -33.06 -3.31 40.36
CA VAL A 9 -32.04 -2.66 41.17
C VAL A 9 -31.53 -1.42 40.45
N ILE A 10 -31.37 -1.50 39.13
CA ILE A 10 -30.87 -0.36 38.36
C ILE A 10 -31.89 0.77 38.37
N SER A 11 -33.16 0.45 38.10
CA SER A 11 -34.16 1.51 38.07
C SER A 11 -34.30 2.19 39.43
N LYS A 12 -34.12 1.45 40.53
CA LYS A 12 -34.20 2.08 41.84
C LYS A 12 -32.95 2.92 42.11
N CYS A 13 -31.80 2.47 41.63
CA CYS A 13 -30.57 3.29 41.69
C CYS A 13 -30.76 4.62 40.96
N LEU A 14 -31.35 4.57 39.77
CA LEU A 14 -31.55 5.79 38.99
C LEU A 14 -32.66 6.65 39.58
N ASP A 15 -33.76 6.04 40.04
CA ASP A 15 -34.81 6.80 40.71
C ASP A 15 -34.23 7.62 41.85
N ASP A 16 -33.40 6.97 42.68
CA ASP A 16 -32.85 7.61 43.86
C ASP A 16 -31.92 8.77 43.49
N ALA A 17 -31.33 8.73 42.31
CA ALA A 17 -30.47 9.80 41.81
C ALA A 17 -31.25 10.89 41.10
N GLY A 18 -32.57 10.76 41.03
CA GLY A 18 -33.40 11.76 40.39
C GLY A 18 -33.43 11.68 38.89
N ILE A 19 -33.12 10.52 38.32
CA ILE A 19 -32.89 10.36 36.88
C ILE A 19 -34.10 9.62 36.30
N ARG A 20 -34.78 10.27 35.37
CA ARG A 20 -35.86 9.63 34.64
C ARG A 20 -35.37 8.37 33.93
N ASN A 21 -36.10 7.28 34.05
CA ASN A 21 -35.65 6.04 33.44
C ASN A 21 -36.84 5.13 33.15
N VAL A 22 -36.65 4.16 32.25
CA VAL A 22 -37.65 3.12 32.04
C VAL A 22 -37.03 1.72 32.04
N ILE A 23 -37.88 0.74 32.37
CA ILE A 23 -37.57 -0.69 32.33
C ILE A 23 -38.73 -1.38 31.60
N ASP A 24 -38.58 -2.69 31.36
CA ASP A 24 -39.53 -3.30 30.40
C ASP A 24 -40.93 -3.47 30.96
N THR A 25 -41.16 -3.15 32.23
CA THR A 25 -42.51 -3.10 32.76
C THR A 25 -43.13 -1.71 32.65
N ASP A 26 -42.37 -0.70 32.24
CA ASP A 26 -42.93 0.61 31.96
C ASP A 26 -43.77 0.56 30.70
N SER A 27 -44.85 1.35 30.68
CA SER A 27 -45.76 1.34 29.53
C SER A 27 -45.13 1.95 28.29
N SER A 28 -44.11 2.78 28.44
CA SER A 28 -43.45 3.39 27.29
C SER A 28 -42.25 2.60 26.81
N TRP A 29 -42.06 1.38 27.32
CA TRP A 29 -40.88 0.60 26.92
C TRP A 29 -40.79 0.46 25.40
N ALA A 30 -41.91 0.10 24.76
CA ALA A 30 -41.88 -0.08 23.32
C ALA A 30 -41.41 1.18 22.61
N GLN A 31 -41.94 2.33 23.02
CA GLN A 31 -41.63 3.58 22.33
C GLN A 31 -40.19 4.01 22.53
N GLU A 32 -39.54 3.57 23.61
CA GLU A 32 -38.18 3.98 23.88
C GLU A 32 -37.13 2.97 23.40
N THR A 33 -37.56 1.84 22.83
CA THR A 33 -36.67 0.82 22.31
C THR A 33 -36.67 0.74 20.79
N VAL A 34 -36.82 1.88 20.13
CA VAL A 34 -36.87 1.92 18.66
C VAL A 34 -35.51 2.29 18.09
N MET A 35 -35.10 1.59 17.04
CA MET A 35 -33.88 1.96 16.33
C MET A 35 -34.02 1.71 14.83
N PHE A 36 -33.07 2.26 14.08
CA PHE A 36 -33.16 2.29 12.62
C PHE A 36 -33.02 0.89 12.03
N GLN A 37 -32.09 0.09 12.54
CA GLN A 37 -31.84 -1.27 12.08
C GLN A 37 -32.91 -2.20 12.65
N LYS A 38 -33.77 -2.71 11.78
CA LYS A 38 -34.87 -3.58 12.18
C LYS A 38 -34.52 -5.07 12.18
N ARG A 39 -33.33 -5.45 11.68
CA ARG A 39 -32.93 -6.86 11.68
C ARG A 39 -32.65 -7.36 13.10
N LEU A 40 -32.27 -6.45 14.00
CA LEU A 40 -31.89 -6.76 15.36
C LEU A 40 -32.92 -6.17 16.30
N LYS A 41 -33.11 -6.83 17.46
CA LYS A 41 -34.12 -6.44 18.42
C LYS A 41 -33.48 -5.82 19.65
N PRO A 42 -33.73 -4.56 19.97
CA PRO A 42 -33.14 -3.99 21.20
C PRO A 42 -33.68 -4.67 22.45
N ASP A 43 -32.76 -4.97 23.38
CA ASP A 43 -33.13 -5.55 24.68
C ASP A 43 -32.21 -5.02 25.77
N PRO A 44 -32.21 -3.72 26.01
CA PRO A 44 -31.45 -3.17 27.14
C PRO A 44 -32.07 -3.59 28.46
N GLU A 45 -31.25 -3.57 29.51
CA GLU A 45 -31.79 -3.79 30.85
C GLU A 45 -32.59 -2.60 31.35
N ALA A 46 -32.22 -1.38 30.97
CA ALA A 46 -32.89 -0.18 31.45
C ALA A 46 -32.37 0.97 30.60
N ILE A 47 -33.13 2.06 30.60
CA ILE A 47 -32.77 3.24 29.80
C ILE A 47 -32.85 4.45 30.73
N ALA A 48 -31.77 5.22 30.79
CA ALA A 48 -31.73 6.44 31.58
C ALA A 48 -31.79 7.66 30.66
N PHE A 49 -32.32 8.77 31.17
CA PHE A 49 -32.53 10.01 30.40
C PHE A 49 -31.90 11.20 31.14
N PRO A 50 -30.58 11.20 31.27
CA PRO A 50 -29.93 12.28 32.04
C PRO A 50 -30.14 13.63 31.37
N GLU A 51 -30.38 14.64 32.21
CA GLU A 51 -30.57 16.02 31.75
C GLU A 51 -29.29 16.82 31.71
N ASN A 52 -28.23 16.36 32.38
CA ASN A 52 -26.96 17.07 32.48
C ASN A 52 -25.86 16.08 32.86
N SER A 53 -24.62 16.59 32.90
CA SER A 53 -23.47 15.71 33.10
C SER A 53 -23.47 15.05 34.47
N ASP A 54 -23.99 15.73 35.50
CA ASP A 54 -24.08 15.08 36.81
C ASP A 54 -24.95 13.83 36.75
N GLU A 55 -26.06 13.90 36.00
CA GLU A 55 -26.94 12.73 35.88
C GLU A 55 -26.31 11.65 35.03
N VAL A 56 -25.51 12.02 34.02
CA VAL A 56 -24.75 10.99 33.30
C VAL A 56 -23.83 10.27 34.27
N ALA A 57 -23.14 11.03 35.13
CA ALA A 57 -22.25 10.40 36.10
C ALA A 57 -23.02 9.45 37.01
N SER A 58 -24.21 9.85 37.47
CA SER A 58 -25.00 8.99 38.34
C SER A 58 -25.48 7.74 37.63
N ALA A 59 -25.77 7.84 36.33
CA ALA A 59 -26.13 6.65 35.58
C ALA A 59 -24.95 5.70 35.45
N LEU A 60 -23.75 6.23 35.21
CA LEU A 60 -22.58 5.35 35.11
C LEU A 60 -22.35 4.61 36.41
N LYS A 61 -22.45 5.31 37.55
CA LYS A 61 -22.27 4.63 38.83
C LYS A 61 -23.30 3.51 39.01
N CYS A 62 -24.56 3.77 38.65
CA CYS A 62 -25.59 2.75 38.73
C CYS A 62 -25.24 1.52 37.88
N ALA A 63 -24.75 1.72 36.66
CA ALA A 63 -24.37 0.57 35.84
C ALA A 63 -23.26 -0.24 36.50
N ARG A 64 -22.25 0.46 37.03
CA ARG A 64 -21.16 -0.24 37.71
C ARG A 64 -21.67 -1.03 38.91
N GLU A 65 -22.61 -0.45 39.66
CA GLU A 65 -23.11 -1.12 40.85
C GLU A 65 -23.88 -2.41 40.53
N SER A 66 -24.52 -2.48 39.37
CA SER A 66 -25.24 -3.68 38.96
C SER A 66 -24.43 -4.53 37.99
N LYS A 67 -23.16 -4.23 37.78
CA LYS A 67 -22.30 -5.04 36.89
C LYS A 67 -22.93 -5.17 35.50
N VAL A 68 -23.38 -4.05 34.95
CA VAL A 68 -23.84 -4.03 33.57
C VAL A 68 -22.98 -3.03 32.81
N LYS A 69 -22.95 -3.19 31.49
CA LYS A 69 -22.23 -2.25 30.65
C LYS A 69 -23.07 -1.00 30.43
N ALA A 70 -22.38 0.10 30.11
CA ALA A 70 -23.02 1.36 29.80
C ALA A 70 -22.93 1.66 28.30
N ASN A 71 -23.99 2.22 27.74
CA ASN A 71 -24.12 2.33 26.28
C ASN A 71 -24.86 3.60 25.91
N ALA A 72 -24.16 4.50 25.20
CA ALA A 72 -24.76 5.77 24.82
C ALA A 72 -25.74 5.56 23.68
N LEU A 73 -26.93 6.12 23.81
CA LEU A 73 -27.93 6.11 22.74
C LEU A 73 -28.04 7.52 22.16
N GLY A 74 -27.64 7.66 20.90
CA GLY A 74 -27.86 8.89 20.15
C GLY A 74 -29.15 8.77 19.35
N PRO A 75 -29.21 9.35 18.15
CA PRO A 75 -30.44 9.26 17.34
C PRO A 75 -30.81 7.87 16.81
N ALA A 76 -30.02 6.82 17.11
CA ALA A 76 -30.39 5.42 16.89
C ALA A 76 -30.18 4.95 15.46
N HIS A 77 -29.21 5.56 14.74
CA HIS A 77 -29.00 5.18 13.34
C HIS A 77 -28.09 3.97 13.11
N SER A 78 -27.44 3.40 14.13
CA SER A 78 -26.41 2.37 13.89
C SER A 78 -26.94 1.21 13.02
N PHE A 79 -26.21 0.95 11.93
CA PHE A 79 -26.55 -0.20 11.09
C PHE A 79 -26.26 -1.51 11.79
N GLN A 80 -25.51 -1.46 12.90
CA GLN A 80 -25.20 -2.62 13.71
C GLN A 80 -26.00 -2.72 14.99
N GLY A 81 -26.93 -1.81 15.22
CA GLY A 81 -27.70 -1.75 16.44
C GLY A 81 -26.97 -1.22 17.66
N ASN A 82 -25.89 -0.46 17.47
CA ASN A 82 -25.01 -0.08 18.57
C ASN A 82 -25.61 0.98 19.49
N GLY A 83 -26.68 1.67 19.07
CA GLY A 83 -27.35 2.61 19.95
C GLY A 83 -27.83 1.97 21.23
N PHE A 84 -28.18 0.68 21.17
CA PHE A 84 -28.54 -0.12 22.34
C PHE A 84 -27.48 -1.14 22.70
N GLY A 85 -26.73 -1.63 21.72
CA GLY A 85 -25.65 -2.56 21.97
C GLY A 85 -26.07 -3.97 22.29
N ILE A 86 -25.12 -4.76 22.83
CA ILE A 86 -25.41 -6.12 23.27
C ILE A 86 -26.54 -6.11 24.29
N PRO A 87 -27.51 -7.02 24.22
CA PRO A 87 -28.60 -7.02 25.21
C PRO A 87 -28.05 -7.02 26.63
N GLY A 88 -28.71 -6.27 27.52
CA GLY A 88 -28.37 -6.23 28.92
C GLY A 88 -27.63 -5.00 29.39
N ASN A 89 -27.47 -3.99 28.53
CA ASN A 89 -26.77 -2.76 28.87
C ASN A 89 -27.69 -1.83 29.65
N LEU A 90 -27.08 -0.95 30.44
CA LEU A 90 -27.77 0.27 30.89
C LEU A 90 -27.58 1.30 29.78
N VAL A 91 -28.66 1.63 29.06
CA VAL A 91 -28.57 2.52 27.90
C VAL A 91 -28.80 3.93 28.41
N ILE A 92 -27.93 4.85 27.99
CA ILE A 92 -27.98 6.24 28.43
C ILE A 92 -28.38 7.08 27.22
N ASN A 93 -29.63 7.53 27.21
CA ASN A 93 -30.20 8.27 26.11
C ASN A 93 -29.68 9.71 26.19
N MET A 94 -29.04 10.18 25.11
CA MET A 94 -28.31 11.45 25.16
C MET A 94 -29.10 12.63 24.56
N ALA A 95 -30.43 12.49 24.43
CA ALA A 95 -31.21 13.48 23.67
C ALA A 95 -31.16 14.87 24.28
N ALA A 96 -31.00 14.98 25.59
CA ALA A 96 -31.00 16.29 26.22
C ALA A 96 -29.76 17.09 25.86
N PHE A 97 -28.73 16.43 25.35
CA PHE A 97 -27.45 17.09 25.06
C PHE A 97 -27.48 17.62 23.62
N ASP A 98 -28.27 18.68 23.45
CA ASP A 98 -28.63 19.19 22.12
C ASP A 98 -28.07 20.58 21.84
N GLU A 99 -27.11 21.04 22.63
N GLU A 99 -27.11 21.04 22.62
CA GLU A 99 -26.58 22.39 22.46
CA GLU A 99 -26.59 22.39 22.47
C GLU A 99 -25.64 22.45 21.27
C GLU A 99 -25.63 22.46 21.29
N VAL A 100 -25.64 23.60 20.60
CA VAL A 100 -24.75 23.86 19.48
C VAL A 100 -24.34 25.31 19.59
N SER A 101 -23.06 25.58 19.40
CA SER A 101 -22.56 26.94 19.52
C SER A 101 -21.36 27.14 18.61
N TYR A 102 -21.22 28.36 18.08
CA TYR A 102 -20.14 28.71 17.15
C TYR A 102 -19.28 29.82 17.73
N ASP A 103 -17.95 29.65 17.65
CA ASP A 103 -16.99 30.68 18.10
C ASP A 103 -16.44 31.40 16.86
N LYS A 104 -16.93 32.62 16.64
N LYS A 104 -16.94 32.62 16.64
CA LYS A 104 -16.56 33.35 15.43
CA LYS A 104 -16.55 33.38 15.46
C LYS A 104 -15.11 33.84 15.43
C LYS A 104 -15.04 33.60 15.41
N LYS A 105 -14.40 33.76 16.57
CA LYS A 105 -12.98 34.13 16.56
C LYS A 105 -12.12 32.96 16.08
N SER A 106 -12.35 31.76 16.62
CA SER A 106 -11.61 30.57 16.22
C SER A 106 -12.21 29.86 15.01
N THR A 107 -13.50 30.07 14.75
CA THR A 107 -14.27 29.37 13.72
C THR A 107 -14.52 27.90 14.09
N LEU A 108 -14.37 27.53 15.36
CA LEU A 108 -14.72 26.19 15.83
C LEU A 108 -16.19 26.12 16.20
N LEU A 109 -16.82 25.00 15.85
N LEU A 109 -16.82 25.01 15.83
CA LEU A 109 -18.22 24.72 16.17
CA LEU A 109 -18.20 24.70 16.17
C LEU A 109 -18.26 23.62 17.23
C LEU A 109 -18.20 23.65 17.28
N THR A 110 -19.03 23.87 18.30
CA THR A 110 -19.20 22.91 19.38
C THR A 110 -20.60 22.31 19.28
N PHE A 111 -20.69 20.97 19.43
CA PHE A 111 -21.99 20.34 19.36
C PHE A 111 -22.08 19.29 20.46
N GLY A 112 -23.30 19.17 21.05
CA GLY A 112 -23.51 18.23 22.13
C GLY A 112 -23.57 16.78 21.72
N GLY A 113 -23.46 15.91 22.73
CA GLY A 113 -23.37 14.48 22.50
C GLY A 113 -24.62 13.83 21.94
N GLY A 114 -25.75 14.54 21.95
CA GLY A 114 -26.97 14.02 21.36
C GLY A 114 -27.50 14.83 20.18
N THR A 115 -26.67 15.67 19.55
CA THR A 115 -27.17 16.53 18.47
C THR A 115 -27.31 15.75 17.16
N HIS A 116 -28.16 16.28 16.28
CA HIS A 116 -28.39 15.76 14.93
C HIS A 116 -27.73 16.67 13.88
N VAL A 117 -27.42 16.09 12.73
CA VAL A 117 -26.74 16.80 11.64
C VAL A 117 -27.51 18.03 11.19
N GLY A 118 -28.81 17.86 10.93
CA GLY A 118 -29.59 18.95 10.35
C GLY A 118 -29.49 20.24 11.12
N PRO A 119 -29.92 20.24 12.38
CA PRO A 119 -29.90 21.49 13.15
C PRO A 119 -28.50 22.04 13.40
N VAL A 120 -27.48 21.19 13.47
CA VAL A 120 -26.13 21.70 13.62
C VAL A 120 -25.70 22.43 12.36
N GLN A 121 -25.95 21.82 11.20
CA GLN A 121 -25.61 22.49 9.94
C GLN A 121 -26.41 23.76 9.70
N LYS A 122 -27.72 23.71 9.96
CA LYS A 122 -28.54 24.89 9.71
C LYS A 122 -28.12 26.05 10.62
N TYR A 123 -27.78 25.75 11.88
CA TYR A 123 -27.34 26.81 12.78
C TYR A 123 -26.06 27.44 12.27
N LEU A 124 -25.09 26.61 11.87
CA LEU A 124 -23.82 27.13 11.35
C LEU A 124 -24.02 27.92 10.06
N TRP A 125 -24.90 27.42 9.17
CA TRP A 125 -25.13 28.13 7.90
C TRP A 125 -25.85 29.45 8.13
N ASP A 126 -26.92 29.45 8.92
CA ASP A 126 -27.70 30.66 9.15
C ASP A 126 -26.89 31.70 9.94
N THR A 127 -26.04 31.24 10.89
CA THR A 127 -25.27 32.14 11.75
C THR A 127 -24.03 32.71 11.07
N ALA A 128 -23.33 31.90 10.28
CA ALA A 128 -22.00 32.22 9.82
C ALA A 128 -21.76 31.90 8.36
N GLY A 129 -22.72 31.33 7.65
CA GLY A 129 -22.50 30.99 6.25
C GLY A 129 -21.43 29.94 6.03
N ARG A 130 -21.29 29.00 6.96
CA ARG A 130 -20.22 28.03 6.94
C ARG A 130 -20.83 26.61 7.00
N HIS A 131 -19.94 25.63 6.83
CA HIS A 131 -20.28 24.23 6.55
C HIS A 131 -19.33 23.31 7.29
N VAL A 132 -19.82 22.14 7.69
CA VAL A 132 -18.97 21.08 8.22
C VAL A 132 -19.30 19.80 7.44
N PRO A 133 -18.33 19.09 6.85
CA PRO A 133 -18.67 17.86 6.11
C PRO A 133 -19.44 16.91 7.00
N HIS A 134 -20.40 16.19 6.43
CA HIS A 134 -21.31 15.39 7.23
C HIS A 134 -21.91 14.27 6.40
N VAL A 135 -22.56 13.32 7.12
CA VAL A 135 -23.24 12.17 6.49
C VAL A 135 -24.52 12.64 5.80
N ARG A 136 -25.06 11.73 4.94
CA ARG A 136 -26.17 12.06 4.05
C ARG A 136 -27.50 11.71 4.70
N GLY A 137 -27.70 12.30 5.88
CA GLY A 137 -28.89 12.08 6.67
C GLY A 137 -28.95 13.10 7.79
N ALA A 138 -29.88 14.04 7.67
CA ALA A 138 -29.98 15.13 8.64
C ALA A 138 -30.37 14.66 10.03
N HIS A 139 -31.00 13.51 10.15
CA HIS A 139 -31.40 13.03 11.46
C HIS A 139 -30.28 12.33 12.21
N VAL A 140 -29.21 11.97 11.53
CA VAL A 140 -28.17 11.16 12.14
C VAL A 140 -27.45 11.95 13.22
N GLY A 141 -27.03 11.22 14.27
CA GLY A 141 -26.19 11.80 15.31
C GLY A 141 -24.87 12.35 14.78
N VAL A 142 -24.57 13.62 15.07
CA VAL A 142 -23.26 14.16 14.69
C VAL A 142 -22.14 13.41 15.41
N THR A 143 -22.34 13.11 16.70
CA THR A 143 -21.28 12.45 17.49
C THR A 143 -21.06 11.02 17.01
N GLY A 144 -22.11 10.23 16.97
CA GLY A 144 -21.98 8.85 16.51
C GLY A 144 -21.38 8.76 15.11
N SER A 145 -21.87 9.58 14.20
CA SER A 145 -21.35 9.49 12.82
C SER A 145 -19.89 9.94 12.75
N SER A 146 -19.50 10.93 13.55
CA SER A 146 -18.12 11.42 13.45
C SER A 146 -17.10 10.45 14.02
N ILE A 147 -17.44 9.69 15.07
CA ILE A 147 -16.47 8.76 15.67
C ILE A 147 -16.30 7.50 14.85
N GLY A 148 -17.08 7.36 13.77
CA GLY A 148 -17.00 6.20 12.89
C GLY A 148 -16.62 6.56 11.47
N GLY A 149 -16.15 7.79 11.27
CA GLY A 149 -15.69 8.27 9.98
C GLY A 149 -16.57 9.38 9.42
N GLY A 150 -17.62 9.01 8.68
CA GLY A 150 -18.66 9.94 8.31
C GLY A 150 -18.55 10.58 6.93
N PHE A 151 -17.68 10.06 6.07
CA PHE A 151 -17.44 10.58 4.73
C PHE A 151 -18.69 11.11 4.06
N GLY A 152 -18.67 12.39 3.65
CA GLY A 152 -19.79 13.02 3.01
C GLY A 152 -19.45 13.56 1.63
N THR A 153 -20.45 14.24 1.03
CA THR A 153 -20.28 14.65 -0.37
C THR A 153 -19.15 15.65 -0.55
N THR A 154 -18.85 16.47 0.46
CA THR A 154 -17.79 17.46 0.38
C THR A 154 -16.45 16.96 0.86
N SER A 155 -16.34 15.64 1.20
CA SER A 155 -15.15 15.15 1.88
C SER A 155 -13.93 14.97 0.97
N ARG A 156 -14.10 14.93 -0.36
CA ARG A 156 -12.90 14.83 -1.18
C ARG A 156 -12.05 16.09 -1.10
N TYR A 157 -12.66 17.28 -0.86
CA TYR A 157 -11.85 18.49 -0.74
C TYR A 157 -11.81 19.06 0.69
N LEU A 158 -12.76 18.70 1.55
CA LEU A 158 -12.79 19.27 2.90
C LEU A 158 -12.49 18.23 4.00
N GLY A 159 -12.30 16.96 3.64
CA GLY A 159 -12.00 15.94 4.63
C GLY A 159 -13.25 15.37 5.25
N THR A 160 -13.04 14.35 6.11
CA THR A 160 -14.15 13.64 6.70
C THR A 160 -14.56 14.27 8.02
N PRO A 161 -15.78 14.01 8.48
CA PRO A 161 -16.15 14.50 9.82
C PRO A 161 -15.18 14.08 10.91
N MET A 162 -14.71 12.83 10.88
CA MET A 162 -13.81 12.36 11.91
C MET A 162 -12.47 13.11 11.91
N ASP A 163 -11.92 13.35 10.73
CA ASP A 163 -10.62 14.01 10.61
C ASP A 163 -10.68 15.49 10.93
N ASN A 164 -11.87 16.10 10.93
CA ASN A 164 -12.02 17.52 11.18
C ASN A 164 -12.36 17.84 12.64
N LEU A 165 -12.52 16.83 13.48
CA LEU A 165 -12.66 17.09 14.91
C LEU A 165 -11.35 17.64 15.46
N VAL A 166 -11.46 18.43 16.52
CA VAL A 166 -10.27 18.96 17.18
C VAL A 166 -10.28 18.77 18.69
N GLU A 167 -11.43 18.56 19.34
CA GLU A 167 -11.48 18.36 20.79
C GLU A 167 -12.74 17.56 21.13
N ILE A 168 -12.64 16.67 22.13
CA ILE A 168 -13.78 15.85 22.55
C ILE A 168 -13.84 15.88 24.07
N GLN A 169 -14.99 16.30 24.62
CA GLN A 169 -15.17 16.34 26.08
C GLN A 169 -15.77 15.00 26.52
N TYR A 170 -14.96 14.19 27.19
CA TYR A 170 -15.38 12.86 27.61
C TYR A 170 -15.77 12.86 29.08
N MET A 171 -16.80 12.07 29.42
CA MET A 171 -17.00 11.60 30.78
C MET A 171 -16.52 10.15 30.81
N LEU A 172 -15.54 9.86 31.67
CA LEU A 172 -14.97 8.54 31.79
C LEU A 172 -15.81 7.66 32.72
N TYR A 173 -15.38 6.41 32.85
CA TYR A 173 -16.20 5.41 33.54
C TYR A 173 -16.48 5.79 34.98
N ASN A 174 -15.59 6.56 35.60
CA ASN A 174 -15.70 6.93 37.01
C ASN A 174 -16.32 8.32 37.19
N GLY A 175 -16.86 8.91 36.14
CA GLY A 175 -17.49 10.21 36.27
C GLY A 175 -16.55 11.38 36.08
N THR A 176 -15.26 11.12 35.93
CA THR A 176 -14.30 12.17 35.63
C THR A 176 -14.48 12.70 34.20
N ILE A 177 -14.45 14.02 34.06
CA ILE A 177 -14.57 14.67 32.75
C ILE A 177 -13.19 15.11 32.29
N VAL A 178 -12.90 14.88 31.00
CA VAL A 178 -11.62 15.26 30.42
C VAL A 178 -11.86 15.79 29.01
N ASN A 179 -11.07 16.79 28.62
CA ASN A 179 -11.08 17.32 27.26
C ASN A 179 -9.92 16.70 26.50
N ALA A 180 -10.22 15.81 25.56
CA ALA A 180 -9.23 15.14 24.75
C ALA A 180 -8.93 16.01 23.51
N LYS A 181 -7.71 16.49 23.40
CA LYS A 181 -7.35 17.39 22.31
C LYS A 181 -6.60 16.64 21.22
N LYS A 182 -6.69 17.16 20.00
CA LYS A 182 -5.91 16.63 18.88
C LYS A 182 -4.44 16.57 19.27
N GLY A 183 -3.81 15.41 19.00
CA GLY A 183 -2.47 15.13 19.47
C GLY A 183 -2.39 14.13 20.62
N SER A 184 -3.47 13.90 21.36
CA SER A 184 -3.46 13.00 22.50
C SER A 184 -3.89 11.58 22.11
N ASP A 185 -3.62 10.62 23.00
CA ASP A 185 -4.00 9.23 22.76
C ASP A 185 -5.52 9.03 22.81
N LEU A 186 -6.18 9.65 23.78
CA LEU A 186 -7.63 9.48 23.91
C LEU A 186 -8.35 10.04 22.68
N PHE A 187 -7.87 11.19 22.17
CA PHE A 187 -8.45 11.73 20.94
C PHE A 187 -8.20 10.82 19.74
N TRP A 188 -6.98 10.30 19.60
CA TRP A 188 -6.66 9.39 18.51
C TRP A 188 -7.56 8.17 18.54
N ALA A 189 -7.80 7.60 19.73
CA ALA A 189 -8.62 6.40 19.88
C ALA A 189 -10.07 6.70 19.56
N ALA A 190 -10.53 7.90 19.90
CA ALA A 190 -11.92 8.29 19.65
C ALA A 190 -12.18 8.46 18.16
N GLN A 191 -11.13 8.71 17.38
CA GLN A 191 -11.25 8.77 15.92
C GLN A 191 -11.25 7.34 15.36
N GLY A 192 -12.36 6.64 15.60
CA GLY A 192 -12.52 5.29 15.09
C GLY A 192 -13.15 4.31 16.07
N ALA A 193 -13.08 4.65 17.37
CA ALA A 193 -13.54 3.72 18.42
C ALA A 193 -14.09 4.47 19.64
N GLY A 194 -14.71 5.63 19.41
CA GLY A 194 -15.02 6.55 20.49
C GLY A 194 -15.93 5.98 21.58
N ALA A 195 -16.87 5.10 21.22
CA ALA A 195 -17.77 4.56 22.23
C ALA A 195 -17.05 3.71 23.29
N SER A 196 -15.86 3.20 22.97
CA SER A 196 -15.11 2.34 23.88
C SER A 196 -14.40 3.09 25.00
N PHE A 197 -14.43 4.43 25.04
CA PHE A 197 -13.63 5.15 26.03
C PHE A 197 -14.44 6.01 26.98
N GLY A 198 -15.72 6.23 26.73
CA GLY A 198 -16.51 7.05 27.64
C GLY A 198 -17.77 7.58 26.97
N ILE A 199 -18.46 8.45 27.70
CA ILE A 199 -19.63 9.16 27.17
C ILE A 199 -19.17 10.53 26.69
N ILE A 200 -19.44 10.84 25.43
CA ILE A 200 -19.08 12.13 24.85
C ILE A 200 -20.18 13.13 25.16
N LEU A 201 -19.82 14.19 25.88
CA LEU A 201 -20.75 15.25 26.28
C LEU A 201 -20.82 16.36 25.25
N SER A 202 -19.69 16.67 24.61
CA SER A 202 -19.64 17.66 23.54
C SER A 202 -18.34 17.48 22.78
N THR A 203 -18.31 18.06 21.58
CA THR A 203 -17.23 17.89 20.63
C THR A 203 -17.05 19.21 19.86
N LYS A 204 -15.80 19.52 19.50
CA LYS A 204 -15.48 20.71 18.70
C LYS A 204 -14.93 20.27 17.35
N THR A 205 -15.32 21.00 16.30
CA THR A 205 -14.92 20.68 14.95
C THR A 205 -14.51 21.94 14.21
N LYS A 206 -13.58 21.74 13.25
CA LYS A 206 -13.31 22.75 12.26
C LYS A 206 -14.55 23.00 11.40
N THR A 207 -14.59 24.23 10.83
CA THR A 207 -15.66 24.65 9.93
C THR A 207 -15.03 25.25 8.67
N PHE A 208 -15.85 25.39 7.61
CA PHE A 208 -15.35 25.81 6.30
C PHE A 208 -16.33 26.75 5.61
N LYS A 209 -15.77 27.65 4.78
N LYS A 209 -15.77 27.63 4.78
CA LYS A 209 -16.63 28.55 4.02
CA LYS A 209 -16.59 28.56 3.99
C LYS A 209 -16.68 28.11 2.56
C LYS A 209 -16.67 28.05 2.56
N PRO A 210 -17.86 27.80 2.02
CA PRO A 210 -17.97 27.49 0.58
C PRO A 210 -17.46 28.66 -0.26
N GLN A 211 -16.77 28.33 -1.36
N GLN A 211 -16.79 28.34 -1.36
CA GLN A 211 -16.18 29.39 -2.17
CA GLN A 211 -16.18 29.39 -2.16
C GLN A 211 -17.18 30.00 -3.15
C GLN A 211 -17.13 29.95 -3.22
N PHE A 212 -18.27 29.29 -3.46
CA PHE A 212 -19.27 29.78 -4.41
C PHE A 212 -20.67 29.68 -3.80
N ASP A 213 -21.54 30.62 -4.23
N ASP A 213 -21.56 30.59 -4.22
CA ASP A 213 -22.91 30.66 -3.73
CA ASP A 213 -22.91 30.61 -3.65
C ASP A 213 -23.71 29.42 -4.11
C ASP A 213 -23.80 29.49 -4.19
N LYS A 214 -23.37 28.79 -5.24
CA LYS A 214 -24.12 27.72 -5.85
C LYS A 214 -23.17 26.56 -6.09
N ALA A 215 -23.73 25.38 -6.29
CA ALA A 215 -23.02 24.11 -6.48
C ALA A 215 -23.91 23.19 -7.31
N ILE A 216 -23.41 21.98 -7.61
CA ILE A 216 -24.01 21.16 -8.67
C ILE A 216 -24.25 19.74 -8.19
N ASN A 217 -25.44 19.22 -8.51
CA ASN A 217 -25.74 17.79 -8.43
C ASN A 217 -25.90 17.29 -9.85
N PHE A 218 -25.31 16.13 -10.13
CA PHE A 218 -25.40 15.55 -11.48
C PHE A 218 -25.65 14.05 -11.39
N THR A 219 -26.16 13.52 -12.51
CA THR A 219 -26.26 12.08 -12.73
C THR A 219 -25.39 11.71 -13.91
N LEU A 220 -24.84 10.50 -13.87
CA LEU A 220 -24.12 9.93 -14.99
C LEU A 220 -24.69 8.55 -15.26
N SER A 221 -25.10 8.32 -16.51
CA SER A 221 -25.73 7.07 -16.88
C SER A 221 -25.08 6.47 -18.13
N MET A 222 -24.88 5.15 -18.09
CA MET A 222 -24.39 4.41 -19.23
C MET A 222 -25.33 3.29 -19.66
N GLY A 223 -26.44 3.11 -18.97
CA GLY A 223 -27.43 2.16 -19.42
C GLY A 223 -27.06 0.70 -19.18
N ASP A 224 -27.58 -0.17 -20.03
CA ASP A 224 -27.34 -1.60 -19.93
C ASP A 224 -26.06 -1.87 -20.73
N LEU A 225 -25.02 -2.28 -20.02
CA LEU A 225 -23.76 -2.70 -20.58
C LEU A 225 -23.53 -4.18 -20.33
N THR A 226 -22.65 -4.76 -21.17
CA THR A 226 -22.12 -6.07 -20.91
C THR A 226 -21.33 -6.01 -19.62
N PRO A 227 -21.09 -7.16 -18.97
CA PRO A 227 -20.28 -7.12 -17.74
C PRO A 227 -18.87 -6.61 -17.96
N GLU A 228 -18.26 -6.97 -19.11
N GLU A 228 -18.24 -6.96 -19.09
CA GLU A 228 -16.92 -6.50 -19.43
CA GLU A 228 -16.89 -6.44 -19.33
C GLU A 228 -16.89 -5.00 -19.68
C GLU A 228 -16.92 -4.94 -19.60
N ALA A 229 -17.91 -4.46 -20.34
CA ALA A 229 -17.99 -3.02 -20.60
C ALA A 229 -18.25 -2.24 -19.30
N GLY A 230 -19.11 -2.76 -18.42
CA GLY A 230 -19.31 -2.13 -17.12
C GLY A 230 -18.03 -2.06 -16.33
N ALA A 231 -17.19 -3.10 -16.43
CA ALA A 231 -15.95 -3.09 -15.66
C ALA A 231 -14.96 -2.08 -16.23
N LYS A 232 -14.87 -1.99 -17.57
CA LYS A 232 -14.02 -0.98 -18.19
C LYS A 232 -14.46 0.41 -17.78
N ALA A 233 -15.76 0.64 -17.69
CA ALA A 233 -16.27 1.95 -17.31
C ALA A 233 -15.80 2.30 -15.91
N LEU A 234 -15.86 1.36 -14.97
CA LEU A 234 -15.42 1.66 -13.61
C LEU A 234 -13.94 1.97 -13.58
N VAL A 235 -13.15 1.19 -14.33
CA VAL A 235 -11.70 1.44 -14.35
C VAL A 235 -11.39 2.78 -15.00
N ALA A 236 -12.21 3.23 -15.97
CA ALA A 236 -12.01 4.54 -16.59
C ALA A 236 -12.36 5.67 -15.64
N ILE A 237 -13.45 5.52 -14.87
CA ILE A 237 -13.78 6.48 -13.83
C ILE A 237 -12.63 6.60 -12.85
N GLN A 238 -12.11 5.44 -12.40
CA GLN A 238 -10.97 5.41 -11.51
C GLN A 238 -9.76 6.15 -12.11
N ASP A 239 -9.43 5.89 -13.37
CA ASP A 239 -8.27 6.54 -13.99
C ASP A 239 -8.45 8.05 -14.04
N TYR A 240 -9.63 8.50 -14.45
CA TYR A 240 -9.96 9.93 -14.41
C TYR A 240 -9.79 10.49 -13.01
N SER A 241 -10.29 9.76 -12.01
CA SER A 241 -10.24 10.27 -10.64
C SER A 241 -8.82 10.41 -10.14
N LEU A 242 -7.89 9.62 -10.68
CA LEU A 242 -6.49 9.68 -10.26
C LEU A 242 -5.67 10.65 -11.10
N SER A 243 -6.25 11.27 -12.13
CA SER A 243 -5.56 12.12 -13.06
C SER A 243 -5.63 13.59 -12.65
N LYS A 244 -4.86 14.41 -13.39
CA LYS A 244 -4.87 15.86 -13.24
C LYS A 244 -6.18 16.48 -13.66
N ASP A 245 -7.06 15.72 -14.32
CA ASP A 245 -8.31 16.28 -14.83
C ASP A 245 -9.41 16.30 -13.80
N CYS A 246 -9.25 15.57 -12.68
CA CYS A 246 -10.29 15.46 -11.67
C CYS A 246 -9.98 16.36 -10.48
N PRO A 247 -10.77 17.38 -10.20
CA PRO A 247 -10.47 18.24 -9.05
C PRO A 247 -11.01 17.64 -7.75
N ASP A 248 -10.40 18.03 -6.62
CA ASP A 248 -10.87 17.46 -5.35
C ASP A 248 -12.29 17.90 -5.00
N THR A 249 -12.81 18.96 -5.63
CA THR A 249 -14.16 19.44 -5.40
C THR A 249 -15.20 18.59 -6.10
N TRP A 250 -14.75 17.57 -6.85
CA TRP A 250 -15.67 16.62 -7.47
C TRP A 250 -16.08 15.56 -6.43
N ALA A 251 -17.27 15.01 -6.63
CA ALA A 251 -17.72 13.85 -5.86
C ALA A 251 -18.48 12.92 -6.78
N PHE A 252 -18.46 11.62 -6.44
CA PHE A 252 -19.15 10.67 -7.32
C PHE A 252 -19.40 9.34 -6.62
N ARG A 253 -20.62 8.82 -6.81
CA ARG A 253 -21.07 7.53 -6.28
C ARG A 253 -21.48 6.68 -7.48
N TRP A 254 -20.79 5.57 -7.68
CA TRP A 254 -21.08 4.60 -8.74
C TRP A 254 -21.97 3.53 -8.15
N ASN A 255 -23.18 3.39 -8.69
CA ASN A 255 -24.09 2.43 -8.08
C ASN A 255 -23.62 1.00 -8.32
N ILE A 256 -23.89 0.12 -7.34
CA ILE A 256 -23.74 -1.32 -7.56
C ILE A 256 -25.14 -1.93 -7.58
N MET A 257 -25.91 -1.57 -8.62
CA MET A 257 -27.31 -1.92 -8.80
C MET A 257 -27.58 -2.46 -10.20
N ALA A 258 -26.54 -2.66 -10.99
CA ALA A 258 -26.68 -2.93 -12.41
C ALA A 258 -27.36 -4.27 -12.68
N PRO A 259 -28.05 -4.38 -13.83
CA PRO A 259 -28.26 -3.27 -14.79
C PRO A 259 -29.35 -2.32 -14.30
N PRO A 260 -29.27 -1.03 -14.67
CA PRO A 260 -28.26 -0.38 -15.50
C PRO A 260 -27.04 0.10 -14.72
N TYR A 261 -26.02 0.56 -15.46
CA TYR A 261 -24.81 1.14 -14.89
C TYR A 261 -24.98 2.65 -14.84
N ASP A 262 -24.90 3.23 -13.65
CA ASP A 262 -25.08 4.67 -13.52
C ASP A 262 -24.59 5.09 -12.13
N GLY A 263 -24.64 6.39 -11.88
CA GLY A 263 -24.19 6.93 -10.61
C GLY A 263 -24.69 8.35 -10.44
N THR A 264 -24.39 8.92 -9.26
CA THR A 264 -24.78 10.26 -8.88
C THR A 264 -23.57 10.98 -8.29
N GLY A 265 -23.43 12.27 -8.59
CA GLY A 265 -22.27 13.01 -8.12
C GLY A 265 -22.59 14.48 -7.86
N TYR A 266 -21.57 15.21 -7.42
CA TYR A 266 -21.67 16.61 -7.04
C TYR A 266 -20.39 17.33 -7.44
N PHE A 267 -20.49 18.65 -7.61
CA PHE A 267 -19.31 19.44 -7.94
C PHE A 267 -19.38 20.76 -7.20
N TYR A 268 -18.32 21.04 -6.45
CA TYR A 268 -18.25 22.16 -5.50
C TYR A 268 -17.21 23.21 -5.89
N GLY A 269 -16.74 23.17 -7.11
CA GLY A 269 -15.98 24.25 -7.70
C GLY A 269 -16.89 25.31 -8.32
N ASN A 270 -16.32 26.09 -9.22
CA ASN A 270 -17.08 27.14 -9.92
C ASN A 270 -18.11 26.49 -10.82
N PRO A 271 -19.40 26.78 -10.64
CA PRO A 271 -20.40 26.08 -11.46
C PRO A 271 -20.15 26.13 -12.96
N SER A 272 -19.66 27.27 -13.53
CA SER A 272 -19.46 27.36 -14.97
C SER A 272 -18.30 26.50 -15.47
N SER A 273 -17.50 25.93 -14.57
CA SER A 273 -16.40 25.03 -14.91
C SER A 273 -16.83 23.59 -15.14
N PHE A 274 -18.09 23.27 -14.84
CA PHE A 274 -18.48 21.87 -14.73
C PHE A 274 -18.19 21.09 -16.02
N ASP A 275 -18.62 21.64 -17.16
CA ASP A 275 -18.48 20.92 -18.42
C ASP A 275 -17.02 20.64 -18.75
N SER A 276 -16.13 21.62 -18.52
CA SER A 276 -14.71 21.37 -18.80
C SER A 276 -14.14 20.36 -17.81
N VAL A 277 -14.65 20.32 -16.56
CA VAL A 277 -14.17 19.34 -15.60
C VAL A 277 -14.51 17.93 -16.07
N MET A 278 -15.73 17.74 -16.60
CA MET A 278 -16.23 16.44 -16.97
C MET A 278 -15.81 15.98 -18.37
N ALA A 279 -15.38 16.89 -19.24
CA ALA A 279 -15.15 16.52 -20.63
C ALA A 279 -14.19 15.35 -20.80
N PRO A 280 -13.04 15.30 -20.13
CA PRO A 280 -12.14 14.15 -20.31
C PRO A 280 -12.75 12.82 -19.86
N LEU A 281 -13.58 12.85 -18.82
CA LEU A 281 -14.25 11.64 -18.39
C LEU A 281 -15.29 11.19 -19.40
N VAL A 282 -16.13 12.12 -19.85
CA VAL A 282 -17.17 11.78 -20.81
C VAL A 282 -16.55 11.22 -22.09
N LYS A 283 -15.45 11.82 -22.52
CA LYS A 283 -14.82 11.36 -23.77
C LYS A 283 -14.41 9.90 -23.65
N LYS A 284 -13.78 9.54 -22.53
CA LYS A 284 -13.37 8.15 -22.33
C LYS A 284 -14.57 7.21 -22.24
N LEU A 285 -15.63 7.62 -21.52
CA LEU A 285 -16.75 6.71 -21.36
C LEU A 285 -17.49 6.49 -22.69
N LYS A 286 -17.53 7.52 -23.53
CA LYS A 286 -18.15 7.41 -24.84
C LYS A 286 -17.50 6.34 -25.69
N THR A 287 -16.19 6.08 -25.49
CA THR A 287 -15.54 5.03 -26.25
C THR A 287 -15.98 3.66 -25.75
N ILE A 288 -16.59 3.60 -24.57
CA ILE A 288 -17.12 2.33 -24.04
C ILE A 288 -18.59 2.16 -24.39
N SER A 289 -19.40 3.22 -24.26
CA SER A 289 -20.79 3.15 -24.67
C SER A 289 -21.29 4.49 -25.15
N SER A 290 -21.98 4.49 -26.29
CA SER A 290 -22.54 5.73 -26.78
C SER A 290 -23.71 6.21 -25.93
N ASN A 291 -24.31 5.34 -25.12
CA ASN A 291 -25.44 5.77 -24.30
C ASN A 291 -25.02 6.60 -23.11
N THR A 292 -23.73 6.87 -22.94
CA THR A 292 -23.26 7.75 -21.88
C THR A 292 -24.01 9.08 -21.92
N ALA A 293 -24.50 9.50 -20.76
CA ALA A 293 -25.26 10.74 -20.66
C ALA A 293 -25.10 11.36 -19.27
N VAL A 294 -24.83 12.66 -19.26
CA VAL A 294 -24.63 13.42 -18.02
C VAL A 294 -25.75 14.46 -17.93
N LYS A 295 -26.44 14.51 -16.80
CA LYS A 295 -27.42 15.55 -16.50
C LYS A 295 -26.98 16.31 -15.25
N SER A 296 -27.14 17.63 -15.25
CA SER A 296 -26.69 18.43 -14.11
C SER A 296 -27.61 19.60 -13.81
N THR A 297 -27.60 20.03 -12.54
CA THR A 297 -28.42 21.14 -12.08
C THR A 297 -27.56 22.04 -11.19
N VAL A 298 -27.72 23.38 -11.33
CA VAL A 298 -27.06 24.33 -10.45
C VAL A 298 -28.06 24.76 -9.37
N LEU A 299 -27.66 24.63 -8.09
CA LEU A 299 -28.52 24.96 -6.97
C LEU A 299 -27.82 25.90 -6.00
N PRO A 300 -28.53 26.82 -5.36
CA PRO A 300 -27.97 27.49 -4.17
C PRO A 300 -27.42 26.49 -3.16
N TRP A 301 -26.35 26.89 -2.47
CA TRP A 301 -25.68 26.00 -1.52
C TRP A 301 -26.65 25.21 -0.63
N TRP A 302 -27.57 25.92 0.03
CA TRP A 302 -28.41 25.24 1.03
C TRP A 302 -29.44 24.33 0.38
N ASP A 303 -29.96 24.73 -0.79
CA ASP A 303 -30.91 23.86 -1.50
C ASP A 303 -30.26 22.52 -1.85
N LEU A 304 -28.98 22.56 -2.23
CA LEU A 304 -28.29 21.32 -2.54
C LEU A 304 -28.08 20.47 -1.28
N GLU A 305 -27.77 21.12 -0.16
CA GLU A 305 -27.62 20.40 1.10
C GLU A 305 -28.92 19.71 1.51
N VAL A 306 -30.06 20.37 1.28
CA VAL A 306 -31.37 19.76 1.57
C VAL A 306 -31.60 18.56 0.64
N ALA A 307 -31.18 18.68 -0.62
CA ALA A 307 -31.28 17.56 -1.55
C ALA A 307 -30.42 16.38 -1.13
N VAL A 308 -29.23 16.65 -0.59
CA VAL A 308 -28.31 15.57 -0.22
C VAL A 308 -28.77 14.84 1.04
N ALA A 309 -29.20 15.58 2.07
CA ALA A 309 -29.42 14.97 3.37
C ALA A 309 -30.88 15.01 3.84
N GLY A 310 -31.81 15.53 3.02
CA GLY A 310 -33.21 15.42 3.30
C GLY A 310 -33.87 16.62 3.94
N PRO A 311 -35.20 16.65 3.93
CA PRO A 311 -35.92 17.80 4.50
C PRO A 311 -35.65 18.03 5.97
N GLY A 312 -35.14 17.03 6.70
CA GLY A 312 -34.78 17.23 8.09
C GLY A 312 -33.70 18.26 8.31
N MET A 313 -33.01 18.65 7.23
CA MET A 313 -32.00 19.69 7.34
C MET A 313 -32.61 20.98 7.89
N ASN A 314 -33.91 21.18 7.72
CA ASN A 314 -34.59 22.37 8.18
C ASN A 314 -35.36 22.20 9.48
N GLN A 315 -35.24 21.05 10.14
N GLN A 315 -35.34 20.99 10.09
CA GLN A 315 -36.12 20.73 11.25
CA GLN A 315 -36.17 20.74 11.26
C GLN A 315 -35.32 20.61 12.55
C GLN A 315 -35.32 20.68 12.54
N PRO A 316 -35.92 20.98 13.69
CA PRO A 316 -35.12 21.10 14.91
C PRO A 316 -34.50 19.80 15.42
N ASN A 317 -35.09 18.63 15.14
CA ASN A 317 -34.46 17.36 15.49
C ASN A 317 -33.93 16.61 14.28
N GLY A 318 -33.82 17.29 13.14
CA GLY A 318 -33.29 16.63 11.97
C GLY A 318 -34.23 15.66 11.27
N GLY A 319 -35.51 15.65 11.63
CA GLY A 319 -36.47 14.90 10.84
C GLY A 319 -36.82 13.58 11.50
N ALA A 320 -37.09 12.57 10.69
CA ALA A 320 -37.58 11.28 11.21
C ALA A 320 -36.53 10.19 11.09
N LEU A 321 -36.68 9.19 11.96
CA LEU A 321 -35.75 8.07 12.01
C LEU A 321 -35.92 7.14 10.82
N GLY A 322 -37.14 6.69 10.55
CA GLY A 322 -37.33 5.70 9.51
C GLY A 322 -36.68 4.38 9.89
N GLY A 323 -36.23 3.65 8.87
CA GLY A 323 -35.54 2.39 9.09
C GLY A 323 -36.11 1.21 8.31
N ARG A 324 -35.32 0.14 8.22
CA ARG A 324 -35.74 -1.10 7.57
C ARG A 324 -34.84 -2.21 8.09
N SER A 325 -35.02 -3.40 7.55
CA SER A 325 -34.29 -4.59 7.99
C SER A 325 -33.25 -4.92 6.93
N PHE A 326 -31.98 -4.87 7.30
CA PHE A 326 -30.91 -5.07 6.33
C PHE A 326 -29.65 -5.58 7.02
N TYR A 327 -28.66 -5.95 6.21
CA TYR A 327 -27.36 -6.40 6.70
C TYR A 327 -26.27 -5.81 5.81
N THR A 328 -25.44 -4.93 6.38
CA THR A 328 -24.40 -4.19 5.68
C THR A 328 -23.07 -4.93 5.63
N GLN A 329 -22.47 -5.01 4.45
CA GLN A 329 -21.05 -5.30 4.29
C GLN A 329 -20.40 -4.11 3.59
N SER A 330 -19.12 -3.87 3.88
CA SER A 330 -18.42 -2.74 3.27
C SER A 330 -16.92 -2.97 3.32
N LEU A 331 -16.26 -2.64 2.20
CA LEU A 331 -14.83 -2.71 2.03
C LEU A 331 -14.29 -1.38 1.54
N THR A 332 -13.10 -1.00 1.98
CA THR A 332 -12.37 0.13 1.41
C THR A 332 -11.08 -0.36 0.74
N THR A 333 -10.65 0.38 -0.30
CA THR A 333 -9.40 0.14 -0.99
C THR A 333 -8.67 1.47 -1.13
N THR A 334 -7.35 1.41 -1.27
CA THR A 334 -6.52 2.60 -1.26
C THR A 334 -5.91 2.84 -2.64
N THR A 335 -5.23 3.99 -2.76
CA THR A 335 -4.56 4.33 -4.02
C THR A 335 -3.34 3.44 -4.28
N ASP A 336 -2.87 2.71 -3.28
CA ASP A 336 -1.82 1.74 -3.52
C ASP A 336 -2.33 0.48 -4.22
N HIS A 337 -3.65 0.31 -4.35
CA HIS A 337 -4.24 -0.88 -4.97
C HIS A 337 -5.42 -0.50 -5.86
N PRO A 338 -5.21 0.33 -6.90
CA PRO A 338 -6.34 0.63 -7.79
C PRO A 338 -6.89 -0.65 -8.40
N LEU A 339 -8.20 -0.65 -8.64
CA LEU A 339 -8.87 -1.86 -9.09
C LEU A 339 -8.56 -2.17 -10.55
N THR A 340 -8.44 -3.47 -10.86
CA THR A 340 -8.34 -3.90 -12.24
C THR A 340 -9.73 -4.14 -12.83
N VAL A 341 -9.78 -4.29 -14.16
CA VAL A 341 -11.02 -4.62 -14.87
C VAL A 341 -11.56 -5.96 -14.38
N LYS A 342 -10.67 -6.92 -14.15
CA LYS A 342 -11.10 -8.22 -13.62
C LYS A 342 -11.73 -8.08 -12.25
N GLN A 343 -11.11 -7.27 -11.38
CA GLN A 343 -11.65 -7.12 -10.02
C GLN A 343 -12.99 -6.42 -10.05
N ALA A 344 -13.11 -5.41 -10.91
CA ALA A 344 -14.39 -4.70 -11.03
C ALA A 344 -15.47 -5.64 -11.55
N GLN A 345 -15.13 -6.49 -12.52
CA GLN A 345 -16.11 -7.44 -13.07
C GLN A 345 -16.50 -8.48 -12.03
N ILE A 346 -15.54 -8.97 -11.23
CA ILE A 346 -15.86 -9.99 -10.23
C ILE A 346 -16.81 -9.41 -9.18
N LEU A 347 -16.57 -8.16 -8.76
CA LEU A 347 -17.47 -7.47 -7.84
C LEU A 347 -18.90 -7.46 -8.37
N PHE A 348 -19.08 -6.94 -9.58
CA PHE A 348 -20.44 -6.80 -10.10
C PHE A 348 -21.04 -8.17 -10.44
N GLU A 349 -20.22 -9.11 -10.93
CA GLU A 349 -20.79 -10.39 -11.32
C GLU A 349 -21.36 -11.12 -10.11
N GLY A 350 -20.62 -11.06 -8.99
CA GLY A 350 -21.02 -11.82 -7.81
C GLY A 350 -22.13 -11.16 -7.02
N THR A 351 -22.21 -9.82 -7.07
CA THR A 351 -23.19 -9.09 -6.28
C THR A 351 -24.42 -8.75 -7.13
N THR A 352 -24.43 -7.55 -7.75
CA THR A 352 -25.69 -7.06 -8.32
C THR A 352 -26.14 -7.86 -9.55
N LEU A 353 -25.21 -8.35 -10.39
CA LEU A 353 -25.68 -9.10 -11.57
C LEU A 353 -26.23 -10.47 -11.23
N ALA A 354 -25.76 -11.10 -10.13
CA ALA A 354 -26.24 -12.41 -9.72
C ALA A 354 -27.47 -12.34 -8.81
N PHE A 355 -27.69 -11.21 -8.17
CA PHE A 355 -28.76 -11.06 -7.19
C PHE A 355 -30.10 -11.46 -7.78
N ASN A 356 -30.74 -12.46 -7.16
CA ASN A 356 -32.00 -12.96 -7.70
C ASN A 356 -33.05 -13.20 -6.61
N ARG A 357 -32.93 -12.52 -5.48
CA ARG A 357 -33.91 -12.63 -4.41
C ARG A 357 -35.18 -11.86 -4.77
N THR A 358 -36.32 -12.41 -4.40
CA THR A 358 -37.59 -11.70 -4.44
C THR A 358 -38.11 -11.37 -3.05
N ASP A 359 -37.34 -11.67 -2.00
CA ASP A 359 -37.69 -11.39 -0.61
C ASP A 359 -36.82 -10.33 0.01
N MET A 360 -35.84 -9.82 -0.75
CA MET A 360 -35.02 -8.66 -0.41
C MET A 360 -34.82 -7.84 -1.67
N THR A 361 -34.45 -6.58 -1.46
CA THR A 361 -34.17 -5.63 -2.52
C THR A 361 -32.73 -5.17 -2.34
N LYS A 362 -31.92 -5.33 -3.39
CA LYS A 362 -30.51 -5.02 -3.27
C LYS A 362 -30.31 -3.51 -3.17
N PHE A 363 -29.23 -3.14 -2.48
CA PHE A 363 -28.82 -1.75 -2.28
C PHE A 363 -27.29 -1.74 -2.20
N GLY A 364 -26.65 -1.31 -3.27
CA GLY A 364 -25.19 -1.22 -3.30
C GLY A 364 -24.70 0.03 -4.02
N TYR A 365 -23.50 0.48 -3.63
CA TYR A 365 -22.85 1.65 -4.23
C TYR A 365 -21.40 1.70 -3.77
N MET A 366 -20.59 2.43 -4.54
CA MET A 366 -19.21 2.67 -4.14
C MET A 366 -18.92 4.16 -4.30
N ASP A 367 -18.47 4.79 -3.22
CA ASP A 367 -18.16 6.21 -3.24
C ASP A 367 -16.68 6.38 -3.55
N LEU A 368 -16.40 7.29 -4.48
CA LEU A 368 -15.05 7.76 -4.71
C LEU A 368 -14.57 8.51 -3.49
N TRP A 369 -13.46 8.05 -2.92
CA TRP A 369 -12.83 8.68 -1.75
C TRP A 369 -11.68 9.53 -2.30
N GLY A 370 -10.43 9.21 -2.01
CA GLY A 370 -9.36 9.96 -2.67
C GLY A 370 -9.34 11.42 -2.22
N GLY A 371 -8.90 12.30 -3.12
CA GLY A 371 -8.75 13.68 -2.74
C GLY A 371 -7.77 13.83 -1.60
N VAL A 372 -8.19 14.55 -0.56
CA VAL A 372 -7.28 14.89 0.52
C VAL A 372 -6.96 13.68 1.40
N SER A 373 -7.51 12.50 1.09
CA SER A 373 -7.01 11.31 1.79
C SER A 373 -5.54 11.05 1.46
N ARG A 374 -5.00 11.69 0.42
CA ARG A 374 -3.63 11.43 0.01
C ARG A 374 -2.62 11.81 1.08
N SER A 375 -2.96 12.75 1.97
CA SER A 375 -2.02 13.20 2.98
C SER A 375 -2.28 12.56 4.34
N ILE A 376 -3.11 11.54 4.39
CA ILE A 376 -3.42 10.83 5.62
C ILE A 376 -2.67 9.50 5.65
N LYS A 377 -2.08 9.18 6.80
CA LYS A 377 -1.45 7.90 7.06
C LYS A 377 -2.35 7.04 7.92
N ASP A 378 -2.21 5.72 7.74
CA ASP A 378 -3.06 4.79 8.50
C ASP A 378 -2.85 4.96 10.01
N SER A 379 -1.65 5.38 10.42
CA SER A 379 -1.35 5.56 11.84
C SER A 379 -1.87 6.88 12.42
N ASP A 380 -2.42 7.79 11.60
CA ASP A 380 -2.81 9.13 12.05
C ASP A 380 -4.03 9.10 12.97
N THR A 381 -4.88 8.08 12.85
CA THR A 381 -6.14 7.94 13.56
C THR A 381 -6.34 6.46 13.83
N ALA A 382 -7.15 6.15 14.86
CA ALA A 382 -7.35 4.73 15.20
C ALA A 382 -7.95 3.97 14.02
N TYR A 383 -9.04 4.49 13.43
CA TYR A 383 -9.59 3.92 12.21
C TYR A 383 -8.66 4.28 11.05
N ALA A 384 -7.99 3.25 10.51
CA ALA A 384 -6.98 3.43 9.48
C ALA A 384 -7.66 3.66 8.13
N HIS A 385 -7.43 4.85 7.57
CA HIS A 385 -8.04 5.19 6.28
C HIS A 385 -7.12 6.02 5.39
N GLY A 386 -5.81 5.96 5.64
CA GLY A 386 -4.84 6.67 4.83
C GLY A 386 -4.90 6.26 3.38
N LYS A 387 -4.95 7.23 2.48
CA LYS A 387 -4.90 6.99 1.05
C LYS A 387 -6.11 6.23 0.53
N ASN A 388 -7.21 6.19 1.27
CA ASN A 388 -8.40 5.52 0.76
C ASN A 388 -8.84 6.11 -0.57
N LEU A 389 -9.25 5.21 -1.48
CA LEU A 389 -9.73 5.56 -2.81
C LEU A 389 -11.16 5.14 -3.08
N TRP A 390 -11.60 3.99 -2.56
CA TRP A 390 -12.98 3.56 -2.76
C TRP A 390 -13.61 3.14 -1.45
N LEU A 391 -14.89 3.52 -1.29
CA LEU A 391 -15.74 3.07 -0.19
C LEU A 391 -16.90 2.29 -0.77
N ILE A 392 -16.87 0.96 -0.59
CA ILE A 392 -17.80 0.05 -1.25
C ILE A 392 -18.80 -0.47 -0.20
N ARG A 393 -20.09 -0.38 -0.54
CA ARG A 393 -21.16 -0.88 0.33
C ARG A 393 -22.01 -1.85 -0.47
N TRP A 394 -22.19 -3.07 0.05
CA TRP A 394 -23.06 -4.08 -0.56
C TRP A 394 -24.08 -4.48 0.50
N ASP A 395 -25.35 -4.34 0.17
CA ASP A 395 -26.41 -4.40 1.15
C ASP A 395 -27.69 -4.85 0.47
N ALA A 396 -28.72 -5.03 1.28
CA ALA A 396 -30.01 -5.48 0.79
C ALA A 396 -31.01 -5.35 1.93
N ASN A 397 -32.20 -4.86 1.61
N ASN A 397 -32.20 -4.89 1.57
CA ASN A 397 -33.22 -4.64 2.63
CA ASN A 397 -33.29 -4.61 2.50
C ASN A 397 -34.38 -5.58 2.39
C ASN A 397 -34.34 -5.69 2.35
N ALA A 398 -34.87 -6.15 3.49
CA ALA A 398 -35.89 -7.19 3.45
C ALA A 398 -37.23 -6.58 3.10
N ILE A 399 -37.93 -7.19 2.14
CA ILE A 399 -39.30 -6.79 1.84
C ILE A 399 -40.18 -6.98 3.07
N GLY A 400 -40.10 -8.17 3.68
CA GLY A 400 -40.73 -8.40 4.96
C GLY A 400 -39.73 -8.52 6.10
N ALA A 401 -39.72 -9.65 6.79
CA ALA A 401 -38.69 -9.93 7.78
C ALA A 401 -37.42 -10.40 7.08
N TYR A 402 -36.29 -10.27 7.76
CA TYR A 402 -35.02 -10.57 7.10
C TYR A 402 -34.90 -12.08 6.94
N PRO A 403 -34.60 -12.57 5.74
CA PRO A 403 -34.62 -14.02 5.54
C PRO A 403 -33.50 -14.72 6.29
N SER A 404 -33.81 -15.95 6.71
CA SER A 404 -32.88 -16.74 7.52
C SER A 404 -31.57 -17.01 6.79
N ASP A 405 -31.63 -17.18 5.47
CA ASP A 405 -30.42 -17.35 4.67
C ASP A 405 -29.93 -16.07 4.02
N GLY A 406 -30.43 -14.89 4.41
CA GLY A 406 -29.99 -13.66 3.77
C GLY A 406 -28.52 -13.36 3.97
N ILE A 407 -28.07 -13.41 5.22
CA ILE A 407 -26.67 -13.12 5.52
C ILE A 407 -25.74 -14.05 4.74
N SER A 408 -25.95 -15.36 4.83
CA SER A 408 -25.03 -16.26 4.13
C SER A 408 -25.05 -16.01 2.64
N TYR A 409 -26.24 -15.70 2.09
CA TYR A 409 -26.36 -15.39 0.66
C TYR A 409 -25.57 -14.14 0.29
N MET A 410 -25.70 -13.07 1.09
CA MET A 410 -24.99 -11.82 0.81
C MET A 410 -23.49 -11.92 1.03
N ARG A 411 -23.06 -12.65 2.05
CA ARG A 411 -21.61 -12.80 2.25
C ARG A 411 -20.99 -13.61 1.11
N ALA A 412 -21.66 -14.67 0.64
CA ALA A 412 -21.13 -15.45 -0.47
C ALA A 412 -21.07 -14.63 -1.76
N SER A 413 -21.95 -13.63 -1.91
N SER A 413 -21.98 -13.65 -1.93
CA SER A 413 -21.99 -12.89 -3.18
CA SER A 413 -22.01 -12.86 -3.15
C SER A 413 -20.76 -12.01 -3.39
C SER A 413 -20.68 -12.14 -3.38
N ILE A 414 -20.11 -11.57 -2.31
CA ILE A 414 -18.94 -10.69 -2.42
C ILE A 414 -17.64 -11.37 -2.01
N LYS A 415 -17.68 -12.60 -1.49
CA LYS A 415 -16.44 -13.31 -1.20
C LYS A 415 -15.51 -13.42 -2.40
N PRO A 416 -15.97 -13.69 -3.62
CA PRO A 416 -15.02 -13.73 -4.75
C PRO A 416 -14.28 -12.42 -4.95
N PHE A 417 -14.96 -11.28 -4.72
CA PHE A 417 -14.31 -9.98 -4.85
C PHE A 417 -13.22 -9.80 -3.78
N GLU A 418 -13.55 -10.17 -2.53
CA GLU A 418 -12.56 -10.13 -1.46
C GLU A 418 -11.33 -10.93 -1.85
N ASP A 419 -11.55 -12.15 -2.35
CA ASP A 419 -10.40 -12.98 -2.74
C ASP A 419 -9.58 -12.28 -3.83
N SER A 420 -10.26 -11.61 -4.77
CA SER A 420 -9.53 -10.96 -5.86
C SER A 420 -8.69 -9.81 -5.36
N LEU A 421 -9.18 -9.08 -4.34
CA LEU A 421 -8.40 -7.97 -3.81
C LEU A 421 -7.11 -8.48 -3.18
N VAL A 422 -7.20 -9.59 -2.42
CA VAL A 422 -6.02 -10.21 -1.83
C VAL A 422 -5.08 -10.72 -2.90
N LYS A 423 -5.63 -11.24 -4.00
CA LYS A 423 -4.82 -11.85 -5.04
C LYS A 423 -3.92 -10.82 -5.69
N GLY A 424 -4.46 -9.60 -5.89
CA GLY A 424 -3.69 -8.48 -6.40
C GLY A 424 -2.81 -7.77 -5.40
N GLY A 425 -2.77 -8.25 -4.16
CA GLY A 425 -1.85 -7.75 -3.16
C GLY A 425 -2.38 -6.74 -2.17
N ALA A 426 -3.67 -6.47 -2.18
CA ALA A 426 -4.27 -5.60 -1.19
C ALA A 426 -4.54 -6.40 0.08
N LYS A 427 -4.66 -5.68 1.20
CA LYS A 427 -5.15 -6.25 2.45
C LYS A 427 -6.56 -5.73 2.63
N LEU A 428 -7.47 -6.59 3.11
CA LEU A 428 -8.85 -6.18 3.22
C LEU A 428 -9.00 -5.12 4.30
N ARG A 429 -9.79 -4.08 3.98
CA ARG A 429 -10.04 -2.95 4.88
C ARG A 429 -11.54 -2.69 4.91
N GLY A 430 -12.02 -2.07 6.01
CA GLY A 430 -13.41 -1.66 6.12
C GLY A 430 -13.67 -0.19 6.39
N PHE A 431 -14.83 0.08 6.99
CA PHE A 431 -15.32 1.45 7.26
C PHE A 431 -16.20 1.34 8.49
N VAL A 432 -15.85 2.05 9.58
CA VAL A 432 -16.48 1.81 10.88
C VAL A 432 -17.99 2.02 10.81
N ASN A 433 -18.47 3.13 10.23
CA ASN A 433 -19.92 3.34 10.16
C ASN A 433 -20.62 2.25 9.36
N TYR A 434 -19.92 1.61 8.45
CA TYR A 434 -20.47 0.47 7.71
C TYR A 434 -19.87 -0.86 8.21
N ALA A 435 -19.69 -0.99 9.52
CA ALA A 435 -19.10 -2.21 10.07
C ALA A 435 -19.98 -3.41 9.74
N ASP A 436 -19.33 -4.58 9.60
CA ASP A 436 -19.94 -5.86 9.24
C ASP A 436 -20.12 -6.70 10.50
N THR A 437 -21.39 -6.90 10.90
CA THR A 437 -21.69 -7.52 12.20
C THR A 437 -21.21 -8.95 12.28
N GLU A 438 -20.89 -9.58 11.14
CA GLU A 438 -20.58 -11.00 11.16
C GLU A 438 -19.09 -11.34 11.24
N LEU A 439 -18.21 -10.34 11.30
CA LEU A 439 -16.78 -10.60 11.32
C LEU A 439 -16.28 -11.03 12.70
N THR A 440 -15.30 -11.93 12.70
CA THR A 440 -14.54 -12.26 13.89
C THR A 440 -13.68 -11.06 14.32
N GLU A 441 -13.18 -11.14 15.57
CA GLU A 441 -12.30 -10.10 16.08
C GLU A 441 -11.06 -9.93 15.20
N LYS A 442 -10.43 -11.05 14.81
CA LYS A 442 -9.26 -10.94 13.93
C LYS A 442 -9.63 -10.20 12.65
N GLU A 443 -10.81 -10.51 12.09
CA GLU A 443 -11.27 -9.84 10.86
C GLU A 443 -11.54 -8.34 11.07
N TRP A 444 -12.46 -7.98 11.98
CA TRP A 444 -12.79 -6.57 12.06
C TRP A 444 -11.62 -5.76 12.63
N SER A 445 -10.83 -6.34 13.53
CA SER A 445 -9.72 -5.53 14.06
C SER A 445 -8.71 -5.23 12.95
N SER A 446 -8.42 -6.21 12.11
CA SER A 446 -7.53 -6.00 10.99
C SER A 446 -8.12 -5.00 9.99
N ARG A 447 -9.39 -5.16 9.66
CA ARG A 447 -9.96 -4.37 8.58
C ARG A 447 -10.23 -2.92 8.98
N LEU A 448 -10.56 -2.68 10.25
CA LEU A 448 -10.83 -1.34 10.73
C LEU A 448 -9.60 -0.64 11.30
N TYR A 449 -8.75 -1.38 12.03
CA TYR A 449 -7.69 -0.77 12.81
C TYR A 449 -6.29 -1.19 12.39
N ASP A 450 -6.17 -2.16 11.47
CA ASP A 450 -4.91 -2.81 11.09
C ASP A 450 -3.86 -2.74 12.19
N GLY A 451 -2.70 -2.13 11.93
CA GLY A 451 -1.60 -2.05 12.88
C GLY A 451 -1.75 -1.03 13.98
N ASN A 452 -2.94 -0.44 14.16
CA ASN A 452 -3.23 0.39 15.33
C ASN A 452 -3.87 -0.37 16.47
N PHE A 453 -4.21 -1.66 16.28
CA PHE A 453 -5.07 -2.36 17.23
C PHE A 453 -4.40 -2.56 18.59
N GLU A 454 -3.12 -2.93 18.61
CA GLU A 454 -2.47 -3.15 19.91
C GLU A 454 -2.38 -1.85 20.70
N ARG A 455 -2.05 -0.74 20.04
CA ARG A 455 -2.07 0.55 20.72
C ARG A 455 -3.47 0.89 21.24
N LEU A 456 -4.51 0.61 20.44
N LEU A 456 -4.50 0.59 20.45
CA LEU A 456 -5.87 0.88 20.88
CA LEU A 456 -5.87 0.89 20.87
C LEU A 456 -6.17 0.16 22.19
C LEU A 456 -6.24 0.14 22.15
N LYS A 457 -5.78 -1.11 22.30
CA LYS A 457 -6.09 -1.88 23.50
C LYS A 457 -5.34 -1.36 24.71
N GLN A 458 -4.14 -0.78 24.51
CA GLN A 458 -3.43 -0.21 25.65
C GLN A 458 -4.10 1.07 26.13
N ILE A 459 -4.63 1.87 25.21
CA ILE A 459 -5.35 3.06 25.60
C ILE A 459 -6.63 2.68 26.33
N LYS A 460 -7.27 1.60 25.86
CA LYS A 460 -8.49 1.09 26.49
C LYS A 460 -8.26 0.73 27.96
N ALA A 461 -7.21 -0.02 28.25
CA ALA A 461 -6.95 -0.39 29.64
C ALA A 461 -6.67 0.85 30.50
N ARG A 462 -6.05 1.87 29.93
CA ARG A 462 -5.75 3.07 30.67
C ARG A 462 -7.02 3.83 31.06
N TYR A 463 -7.98 3.93 30.14
CA TYR A 463 -9.16 4.75 30.38
C TYR A 463 -10.40 3.98 30.83
N ASP A 464 -10.49 2.68 30.56
CA ASP A 464 -11.67 1.90 30.95
C ASP A 464 -11.21 0.55 31.49
N PRO A 465 -10.44 0.55 32.58
CA PRO A 465 -9.88 -0.72 33.07
C PRO A 465 -10.93 -1.75 33.45
N GLU A 466 -12.13 -1.32 33.84
CA GLU A 466 -13.21 -2.24 34.20
C GLU A 466 -13.99 -2.72 32.98
N GLY A 467 -13.78 -2.14 31.81
CA GLY A 467 -14.54 -2.55 30.66
C GLY A 467 -15.99 -2.16 30.70
N LEU A 468 -16.31 -1.04 31.35
CA LEU A 468 -17.70 -0.60 31.42
C LEU A 468 -18.26 -0.31 30.05
N PHE A 469 -17.43 0.15 29.11
CA PHE A 469 -17.88 0.54 27.77
C PHE A 469 -17.57 -0.52 26.71
N ILE A 470 -17.29 -1.76 27.13
CA ILE A 470 -17.31 -2.90 26.21
C ILE A 470 -18.78 -3.29 26.02
N ASN A 471 -19.46 -2.60 25.10
CA ASN A 471 -20.90 -2.64 25.02
C ASN A 471 -21.47 -3.08 23.68
N HIS A 472 -20.63 -3.31 22.66
CA HIS A 472 -21.14 -3.91 21.42
C HIS A 472 -20.11 -4.91 20.87
N ARG A 473 -20.51 -5.60 19.80
CA ARG A 473 -19.74 -6.74 19.32
C ARG A 473 -18.33 -6.37 18.85
N GLN A 474 -18.13 -5.12 18.37
CA GLN A 474 -16.81 -4.68 17.91
C GLN A 474 -16.20 -3.62 18.83
N SER A 475 -16.62 -3.63 20.11
CA SER A 475 -15.98 -2.78 21.10
C SER A 475 -14.53 -3.23 21.26
N ILE A 476 -13.65 -2.28 21.57
CA ILE A 476 -12.25 -2.58 21.79
C ILE A 476 -12.07 -3.39 23.07
N PRO A 477 -11.47 -4.57 23.02
CA PRO A 477 -11.29 -5.36 24.23
C PRO A 477 -10.10 -4.89 25.06
N LEU A 478 -10.07 -5.33 26.31
CA LEU A 478 -8.90 -5.13 27.13
C LEU A 478 -7.79 -6.07 26.65
N PRO A 479 -6.52 -5.66 26.79
CA PRO A 479 -5.44 -6.58 26.39
C PRO A 479 -5.43 -7.81 27.28
N ASN B 5 10.68 24.48 5.92
CA ASN B 5 11.27 23.24 5.44
C ASN B 5 12.80 23.31 5.57
N LYS B 6 13.44 22.17 5.68
CA LYS B 6 14.83 22.13 6.10
C LYS B 6 15.82 22.46 4.98
N ALA B 7 15.34 22.69 3.76
CA ALA B 7 16.26 22.85 2.63
C ALA B 7 17.22 24.02 2.86
N ASP B 8 16.74 25.13 3.42
CA ASP B 8 17.59 26.29 3.64
C ASP B 8 18.66 26.00 4.68
N VAL B 9 18.25 25.45 5.83
CA VAL B 9 19.20 25.12 6.89
C VAL B 9 20.25 24.15 6.38
N ILE B 10 19.82 23.10 5.67
CA ILE B 10 20.76 22.10 5.18
C ILE B 10 21.71 22.70 4.16
N SER B 11 21.18 23.52 3.24
CA SER B 11 22.01 24.08 2.19
CA SER B 11 22.01 24.10 2.19
C SER B 11 23.12 24.96 2.78
N LYS B 12 22.79 25.75 3.81
CA LYS B 12 23.78 26.60 4.45
C LYS B 12 24.79 25.80 5.26
N CYS B 13 24.36 24.69 5.88
CA CYS B 13 25.31 23.81 6.56
C CYS B 13 26.32 23.24 5.57
N LEU B 14 25.84 22.79 4.41
CA LEU B 14 26.74 22.32 3.36
C LEU B 14 27.61 23.46 2.82
N ASP B 15 27.02 24.64 2.61
CA ASP B 15 27.79 25.78 2.13
C ASP B 15 28.95 26.09 3.08
N ASP B 16 28.66 26.12 4.38
CA ASP B 16 29.69 26.47 5.35
C ASP B 16 30.85 25.48 5.33
N ALA B 17 30.56 24.20 5.05
CA ALA B 17 31.60 23.19 4.95
C ALA B 17 32.26 23.15 3.56
N GLY B 18 31.92 24.08 2.68
CA GLY B 18 32.53 24.11 1.36
C GLY B 18 32.10 23.01 0.44
N ILE B 19 30.90 22.46 0.63
CA ILE B 19 30.44 21.33 -0.17
C ILE B 19 29.40 21.83 -1.16
N ARG B 20 29.64 21.54 -2.44
CA ARG B 20 28.69 21.96 -3.47
C ARG B 20 27.39 21.20 -3.30
N ASN B 21 26.26 21.90 -3.50
CA ASN B 21 24.95 21.33 -3.21
C ASN B 21 23.88 22.10 -3.94
N VAL B 22 22.71 21.48 -4.10
CA VAL B 22 21.56 22.13 -4.71
C VAL B 22 20.29 21.79 -3.93
N ILE B 23 19.33 22.70 -3.98
CA ILE B 23 17.99 22.52 -3.49
C ILE B 23 17.01 22.87 -4.61
N ASP B 24 15.70 22.70 -4.34
CA ASP B 24 14.74 22.65 -5.45
C ASP B 24 14.47 24.01 -6.10
N THR B 25 14.89 25.11 -5.50
CA THR B 25 14.75 26.39 -6.18
C THR B 25 15.86 26.63 -7.18
N ASP B 26 16.82 25.72 -7.24
CA ASP B 26 17.95 25.81 -8.17
C ASP B 26 17.51 25.41 -9.57
N SER B 27 18.05 26.10 -10.57
CA SER B 27 17.63 25.81 -11.94
C SER B 27 18.08 24.41 -12.37
N SER B 28 19.22 23.93 -11.86
CA SER B 28 19.74 22.61 -12.19
C SER B 28 19.02 21.48 -11.46
N TRP B 29 18.05 21.81 -10.59
CA TRP B 29 17.41 20.77 -9.79
C TRP B 29 16.86 19.65 -10.67
N ALA B 30 16.17 20.00 -11.76
CA ALA B 30 15.54 18.99 -12.60
C ALA B 30 16.57 18.02 -13.16
N GLN B 31 17.72 18.54 -13.59
CA GLN B 31 18.74 17.70 -14.18
C GLN B 31 19.45 16.86 -13.14
N GLU B 32 19.49 17.30 -11.88
CA GLU B 32 20.17 16.54 -10.83
C GLU B 32 19.28 15.49 -10.18
N THR B 33 17.97 15.54 -10.42
CA THR B 33 17.05 14.60 -9.81
C THR B 33 16.57 13.53 -10.80
N VAL B 34 17.33 13.26 -11.83
CA VAL B 34 16.93 12.25 -12.81
C VAL B 34 17.36 10.87 -12.31
N MET B 35 16.57 9.87 -12.63
CA MET B 35 16.96 8.50 -12.29
C MET B 35 16.35 7.56 -13.32
N PHE B 36 16.83 6.31 -13.28
CA PHE B 36 16.48 5.34 -14.32
C PHE B 36 15.00 4.98 -14.27
N GLN B 37 14.47 4.79 -13.07
CA GLN B 37 13.09 4.36 -12.87
C GLN B 37 12.17 5.56 -13.01
N LYS B 38 11.42 5.62 -14.10
CA LYS B 38 10.56 6.78 -14.36
C LYS B 38 9.16 6.66 -13.76
N ARG B 39 8.82 5.51 -13.16
CA ARG B 39 7.51 5.33 -12.53
C ARG B 39 7.38 6.17 -11.27
N LEU B 40 8.50 6.52 -10.63
CA LEU B 40 8.53 7.23 -9.36
C LEU B 40 9.14 8.62 -9.54
N LYS B 41 8.76 9.55 -8.67
CA LYS B 41 9.27 10.92 -8.75
C LYS B 41 10.16 11.22 -7.55
N PRO B 42 11.47 11.42 -7.75
CA PRO B 42 12.34 11.75 -6.60
C PRO B 42 11.95 13.07 -5.96
N ASP B 43 12.03 13.13 -4.62
CA ASP B 43 11.77 14.36 -3.88
C ASP B 43 12.70 14.51 -2.68
N PRO B 44 14.00 14.59 -2.93
CA PRO B 44 14.95 14.84 -1.85
C PRO B 44 14.86 16.27 -1.35
N GLU B 45 15.36 16.46 -0.13
CA GLU B 45 15.49 17.80 0.45
C GLU B 45 16.64 18.55 -0.19
N ALA B 46 17.73 17.87 -0.52
CA ALA B 46 18.91 18.54 -1.06
C ALA B 46 19.83 17.48 -1.59
N ILE B 47 20.72 17.87 -2.50
CA ILE B 47 21.75 16.98 -3.05
C ILE B 47 23.10 17.62 -2.82
N ALA B 48 24.02 16.86 -2.24
CA ALA B 48 25.40 17.25 -2.01
C ALA B 48 26.31 16.53 -2.99
N PHE B 49 27.42 17.18 -3.35
CA PHE B 49 28.42 16.62 -4.27
C PHE B 49 29.80 16.64 -3.62
N PRO B 50 30.02 15.79 -2.62
CA PRO B 50 31.34 15.74 -1.96
C PRO B 50 32.43 15.29 -2.92
N GLU B 51 33.62 15.88 -2.76
CA GLU B 51 34.75 15.55 -3.61
C GLU B 51 35.75 14.60 -2.93
N ASN B 52 35.60 14.34 -1.65
CA ASN B 52 36.52 13.48 -0.93
C ASN B 52 35.84 13.01 0.34
N SER B 53 36.51 12.12 1.08
CA SER B 53 35.88 11.53 2.25
C SER B 53 35.61 12.58 3.33
N ASP B 54 36.45 13.62 3.42
CA ASP B 54 36.19 14.65 4.42
C ASP B 54 34.85 15.32 4.16
N GLU B 55 34.50 15.55 2.89
CA GLU B 55 33.25 16.22 2.58
C GLU B 55 32.06 15.31 2.77
N VAL B 56 32.24 14.00 2.56
CA VAL B 56 31.18 13.05 2.91
C VAL B 56 30.86 13.17 4.39
N ALA B 57 31.90 13.19 5.22
CA ALA B 57 31.68 13.26 6.66
C ALA B 57 30.95 14.55 7.03
N SER B 58 31.32 15.66 6.39
CA SER B 58 30.63 16.92 6.64
C SER B 58 29.17 16.86 6.21
N ALA B 59 28.88 16.22 5.08
CA ALA B 59 27.50 16.10 4.65
C ALA B 59 26.70 15.24 5.63
N LEU B 60 27.30 14.17 6.14
CA LEU B 60 26.61 13.34 7.13
C LEU B 60 26.31 14.13 8.39
N LYS B 61 27.24 15.01 8.80
CA LYS B 61 27.01 15.82 9.99
C LYS B 61 25.84 16.78 9.76
N CYS B 62 25.79 17.42 8.59
CA CYS B 62 24.68 18.30 8.25
C CYS B 62 23.34 17.56 8.29
N ALA B 63 23.28 16.36 7.69
CA ALA B 63 22.04 15.59 7.74
C ALA B 63 21.59 15.33 9.18
N ARG B 64 22.54 14.99 10.07
CA ARG B 64 22.19 14.75 11.46
C ARG B 64 21.73 16.03 12.16
N GLU B 65 22.40 17.14 11.91
CA GLU B 65 22.03 18.39 12.57
C GLU B 65 20.61 18.83 12.20
N SER B 66 20.15 18.48 11.00
CA SER B 66 18.80 18.80 10.57
C SER B 66 17.84 17.62 10.71
N LYS B 67 18.29 16.53 11.34
CA LYS B 67 17.47 15.34 11.55
C LYS B 67 16.74 14.94 10.26
N VAL B 68 17.52 14.77 9.19
CA VAL B 68 17.05 14.17 7.96
C VAL B 68 17.92 12.95 7.71
N LYS B 69 17.46 12.07 6.84
CA LYS B 69 18.21 10.86 6.53
C LYS B 69 19.20 11.15 5.41
N ALA B 70 20.27 10.38 5.38
CA ALA B 70 21.29 10.46 4.35
C ALA B 70 21.15 9.29 3.38
N ASN B 71 21.38 9.55 2.10
CA ASN B 71 21.07 8.59 1.06
C ASN B 71 22.12 8.73 -0.04
N ALA B 72 22.90 7.68 -0.24
CA ALA B 72 23.93 7.69 -1.28
C ALA B 72 23.32 7.55 -2.66
N LEU B 73 23.79 8.37 -3.58
CA LEU B 73 23.36 8.34 -4.97
C LEU B 73 24.52 7.89 -5.84
N GLY B 74 24.42 6.69 -6.40
CA GLY B 74 25.33 6.24 -7.42
C GLY B 74 24.85 6.64 -8.80
N PRO B 75 25.10 5.81 -9.80
CA PRO B 75 24.60 6.08 -11.16
C PRO B 75 23.08 6.06 -11.35
N ALA B 76 22.29 5.85 -10.29
CA ALA B 76 20.84 6.09 -10.30
C ALA B 76 20.07 5.00 -11.03
N HIS B 77 20.52 3.76 -10.97
CA HIS B 77 19.83 2.69 -11.67
C HIS B 77 18.73 1.99 -10.89
N SER B 78 18.58 2.23 -9.58
CA SER B 78 17.67 1.47 -8.76
C SER B 78 16.28 1.32 -9.38
N PHE B 79 15.83 0.06 -9.50
CA PHE B 79 14.48 -0.19 -9.99
C PHE B 79 13.42 0.27 -9.00
N GLN B 80 13.84 0.55 -7.76
CA GLN B 80 12.99 1.01 -6.68
C GLN B 80 13.14 2.48 -6.35
N GLY B 81 14.01 3.22 -7.05
CA GLY B 81 14.22 4.64 -6.78
C GLY B 81 15.17 4.91 -5.63
N ASN B 82 15.97 3.91 -5.22
CA ASN B 82 16.69 4.02 -3.95
C ASN B 82 17.84 5.03 -4.02
N GLY B 83 18.28 5.40 -5.23
CA GLY B 83 19.33 6.40 -5.32
C GLY B 83 18.93 7.73 -4.76
N PHE B 84 17.63 8.02 -4.72
CA PHE B 84 17.10 9.15 -3.96
C PHE B 84 16.34 8.75 -2.71
N GLY B 85 15.67 7.59 -2.70
CA GLY B 85 14.98 7.06 -1.53
C GLY B 85 13.69 7.79 -1.21
N ILE B 86 13.24 7.54 0.01
CA ILE B 86 12.08 8.18 0.61
C ILE B 86 12.18 9.69 0.48
N PRO B 87 11.10 10.39 0.15
CA PRO B 87 11.18 11.86 0.07
C PRO B 87 11.73 12.48 1.34
N GLY B 88 12.52 13.53 1.18
CA GLY B 88 13.03 14.30 2.30
C GLY B 88 14.45 13.99 2.72
N ASN B 89 15.18 13.19 1.95
CA ASN B 89 16.53 12.80 2.30
C ASN B 89 17.52 13.87 1.89
N LEU B 90 18.66 13.88 2.57
CA LEU B 90 19.86 14.54 2.06
C LEU B 90 20.58 13.50 1.20
N VAL B 91 20.63 13.76 -0.10
CA VAL B 91 21.17 12.80 -1.06
C VAL B 91 22.63 13.16 -1.29
N ILE B 92 23.49 12.15 -1.18
CA ILE B 92 24.92 12.33 -1.34
C ILE B 92 25.32 11.67 -2.65
N ASN B 93 25.57 12.51 -3.66
CA ASN B 93 26.02 12.06 -4.98
C ASN B 93 27.48 11.62 -4.90
N MET B 94 27.74 10.37 -5.29
CA MET B 94 29.03 9.74 -5.09
C MET B 94 29.90 9.76 -6.34
N ALA B 95 29.60 10.62 -7.33
CA ALA B 95 30.26 10.56 -8.63
C ALA B 95 31.77 10.81 -8.55
N ALA B 96 32.22 11.58 -7.56
CA ALA B 96 33.64 11.86 -7.48
C ALA B 96 34.46 10.65 -7.02
N PHE B 97 33.81 9.59 -6.53
CA PHE B 97 34.54 8.42 -6.02
C PHE B 97 34.68 7.39 -7.15
N ASP B 98 35.52 7.76 -8.12
CA ASP B 98 35.63 7.07 -9.40
C ASP B 98 36.91 6.28 -9.57
N GLU B 99 37.70 6.11 -8.53
N GLU B 99 37.71 6.12 -8.53
CA GLU B 99 39.04 5.56 -8.71
CA GLU B 99 39.03 5.55 -8.68
C GLU B 99 38.99 4.05 -8.83
C GLU B 99 38.92 4.04 -8.90
N VAL B 100 39.89 3.49 -9.63
CA VAL B 100 39.96 2.04 -9.87
C VAL B 100 41.41 1.66 -10.03
N SER B 101 41.83 0.61 -9.33
CA SER B 101 43.21 0.16 -9.38
C SER B 101 43.29 -1.34 -9.19
N TYR B 102 44.28 -1.95 -9.83
CA TYR B 102 44.48 -3.39 -9.76
C TYR B 102 45.86 -3.70 -9.19
N ASP B 103 45.91 -4.63 -8.23
CA ASP B 103 47.14 -5.02 -7.55
C ASP B 103 47.60 -6.37 -8.10
N LYS B 104 48.66 -6.36 -8.90
CA LYS B 104 49.13 -7.59 -9.53
C LYS B 104 49.52 -8.65 -8.50
N LYS B 105 50.06 -8.22 -7.36
CA LYS B 105 50.56 -9.16 -6.37
C LYS B 105 49.43 -9.96 -5.74
N SER B 106 48.35 -9.29 -5.35
CA SER B 106 47.23 -9.94 -4.69
C SER B 106 46.15 -10.41 -5.64
N THR B 107 46.11 -9.89 -6.87
CA THR B 107 45.06 -10.04 -7.88
C THR B 107 43.75 -9.38 -7.48
N LEU B 108 43.74 -8.53 -6.45
CA LEU B 108 42.53 -7.83 -6.05
C LEU B 108 42.39 -6.51 -6.81
N LEU B 109 41.14 -6.20 -7.17
CA LEU B 109 40.77 -4.95 -7.81
C LEU B 109 40.03 -4.07 -6.81
N THR B 110 40.40 -2.80 -6.77
CA THR B 110 39.77 -1.81 -5.92
C THR B 110 38.95 -0.85 -6.76
N PHE B 111 37.68 -0.60 -6.37
CA PHE B 111 36.84 0.31 -7.11
C PHE B 111 36.10 1.24 -6.16
N GLY B 112 36.01 2.51 -6.57
CA GLY B 112 35.40 3.51 -5.71
C GLY B 112 33.88 3.43 -5.67
N GLY B 113 33.32 4.12 -4.68
CA GLY B 113 31.90 4.05 -4.38
C GLY B 113 30.96 4.60 -5.45
N GLY B 114 31.48 5.30 -6.46
CA GLY B 114 30.64 5.85 -7.53
C GLY B 114 31.01 5.37 -8.92
N THR B 115 31.76 4.27 -8.99
CA THR B 115 32.22 3.77 -10.27
C THR B 115 31.13 3.01 -11.02
N HIS B 116 31.33 2.92 -12.33
CA HIS B 116 30.44 2.25 -13.28
C HIS B 116 31.08 0.97 -13.79
N VAL B 117 30.23 -0.01 -14.11
CA VAL B 117 30.72 -1.34 -14.53
C VAL B 117 31.65 -1.23 -15.74
N GLY B 118 31.24 -0.48 -16.76
CA GLY B 118 32.02 -0.37 -17.99
C GLY B 118 33.47 0.00 -17.79
N PRO B 119 33.69 1.19 -17.24
CA PRO B 119 35.08 1.66 -17.08
C PRO B 119 35.90 0.76 -16.18
N VAL B 120 35.30 0.18 -15.16
CA VAL B 120 36.01 -0.75 -14.27
C VAL B 120 36.43 -2.00 -15.03
N GLN B 121 35.51 -2.60 -15.78
CA GLN B 121 35.84 -3.79 -16.56
C GLN B 121 36.84 -3.48 -17.68
N LYS B 122 36.66 -2.35 -18.38
CA LYS B 122 37.61 -2.01 -19.46
C LYS B 122 39.01 -1.81 -18.90
N TYR B 123 39.12 -1.17 -17.75
CA TYR B 123 40.43 -0.98 -17.13
C TYR B 123 41.08 -2.31 -16.80
N LEU B 124 40.30 -3.22 -16.18
CA LEU B 124 40.87 -4.50 -15.77
C LEU B 124 41.26 -5.33 -16.98
N TRP B 125 40.44 -5.29 -18.04
CA TRP B 125 40.72 -6.09 -19.23
C TRP B 125 41.95 -5.57 -19.96
N ASP B 126 41.98 -4.25 -20.20
CA ASP B 126 43.06 -3.66 -20.98
C ASP B 126 44.39 -3.77 -20.25
N THR B 127 44.40 -3.58 -18.93
CA THR B 127 45.67 -3.52 -18.21
C THR B 127 46.12 -4.87 -17.63
N ALA B 128 45.23 -5.84 -17.45
CA ALA B 128 45.61 -7.12 -16.85
C ALA B 128 45.02 -8.35 -17.53
N GLY B 129 44.12 -8.18 -18.50
CA GLY B 129 43.49 -9.32 -19.14
C GLY B 129 42.63 -10.15 -18.21
N ARG B 130 41.96 -9.50 -17.26
CA ARG B 130 41.18 -10.21 -16.26
C ARG B 130 39.75 -9.66 -16.24
N HIS B 131 38.90 -10.32 -15.44
CA HIS B 131 37.45 -10.15 -15.45
C HIS B 131 36.93 -10.23 -14.03
N VAL B 132 35.87 -9.48 -13.74
CA VAL B 132 35.10 -9.67 -12.51
C VAL B 132 33.65 -9.87 -12.94
N PRO B 133 32.91 -10.83 -12.38
CA PRO B 133 31.49 -10.96 -12.74
C PRO B 133 30.75 -9.67 -12.42
N HIS B 134 29.73 -9.37 -13.23
CA HIS B 134 29.05 -8.10 -13.14
C HIS B 134 27.70 -8.20 -13.82
N VAL B 135 26.87 -7.17 -13.58
CA VAL B 135 25.53 -7.06 -14.14
C VAL B 135 25.57 -6.70 -15.62
N ARG B 136 24.40 -6.81 -16.29
CA ARG B 136 24.32 -6.68 -17.74
C ARG B 136 23.94 -5.24 -18.12
N GLY B 137 24.80 -4.34 -17.67
CA GLY B 137 24.66 -2.94 -18.05
C GLY B 137 25.89 -2.15 -17.67
N ALA B 138 26.53 -1.57 -18.70
CA ALA B 138 27.83 -0.91 -18.50
C ALA B 138 27.72 0.33 -17.64
N HIS B 139 26.57 0.99 -17.61
CA HIS B 139 26.44 2.24 -16.85
C HIS B 139 26.13 2.02 -15.38
N VAL B 140 25.79 0.80 -14.98
CA VAL B 140 25.33 0.56 -13.63
C VAL B 140 26.47 0.78 -12.64
N GLY B 141 26.11 1.20 -11.43
CA GLY B 141 27.10 1.33 -10.37
C GLY B 141 27.62 -0.04 -9.94
N VAL B 142 28.95 -0.16 -9.88
CA VAL B 142 29.56 -1.38 -9.39
C VAL B 142 29.21 -1.60 -7.92
N THR B 143 29.24 -0.51 -7.14
CA THR B 143 28.98 -0.67 -5.70
C THR B 143 27.51 -1.02 -5.44
N GLY B 144 26.59 -0.27 -6.04
CA GLY B 144 25.19 -0.52 -5.78
C GLY B 144 24.74 -1.89 -6.26
N SER B 145 25.24 -2.32 -7.41
CA SER B 145 24.87 -3.62 -7.94
C SER B 145 25.44 -4.74 -7.08
N SER B 146 26.64 -4.54 -6.51
CA SER B 146 27.30 -5.61 -5.76
C SER B 146 26.68 -5.82 -4.39
N ILE B 147 26.19 -4.76 -3.74
CA ILE B 147 25.57 -4.92 -2.43
C ILE B 147 24.16 -5.46 -2.51
N GLY B 148 23.62 -5.64 -3.71
CA GLY B 148 22.32 -6.22 -3.92
C GLY B 148 22.37 -7.53 -4.69
N GLY B 149 23.56 -8.12 -4.77
CA GLY B 149 23.72 -9.41 -5.42
C GLY B 149 24.51 -9.32 -6.71
N GLY B 150 23.82 -9.09 -7.83
CA GLY B 150 24.46 -8.71 -9.09
C GLY B 150 24.73 -9.86 -10.05
N PHE B 151 24.16 -11.04 -9.80
CA PHE B 151 24.37 -12.22 -10.64
C PHE B 151 24.55 -11.92 -12.12
N GLY B 152 25.69 -12.33 -12.69
CA GLY B 152 26.02 -12.04 -14.09
C GLY B 152 26.12 -13.30 -14.94
N THR B 153 26.45 -13.09 -16.23
CA THR B 153 26.50 -14.25 -17.14
C THR B 153 27.58 -15.26 -16.75
N THR B 154 28.65 -14.81 -16.12
CA THR B 154 29.72 -15.72 -15.71
C THR B 154 29.56 -16.24 -14.29
N SER B 155 28.41 -16.06 -13.67
CA SER B 155 28.32 -16.32 -12.23
C SER B 155 28.06 -17.77 -11.88
N ARG B 156 27.63 -18.61 -12.84
CA ARG B 156 27.48 -20.03 -12.50
C ARG B 156 28.83 -20.67 -12.22
N TYR B 157 29.93 -20.17 -12.83
CA TYR B 157 31.24 -20.74 -12.53
C TYR B 157 32.14 -19.83 -11.73
N LEU B 158 31.94 -18.50 -11.79
CA LEU B 158 32.80 -17.59 -11.03
C LEU B 158 32.13 -17.00 -9.79
N GLY B 159 30.86 -17.23 -9.59
CA GLY B 159 30.15 -16.66 -8.46
C GLY B 159 29.63 -15.26 -8.77
N THR B 160 28.92 -14.69 -7.77
CA THR B 160 28.26 -13.42 -7.98
C THR B 160 29.16 -12.25 -7.62
N PRO B 161 28.84 -11.06 -8.09
CA PRO B 161 29.63 -9.87 -7.67
C PRO B 161 29.70 -9.72 -6.18
N MET B 162 28.54 -9.89 -5.51
CA MET B 162 28.48 -9.77 -4.06
C MET B 162 29.38 -10.77 -3.35
N ASP B 163 29.39 -12.02 -3.81
CA ASP B 163 30.13 -13.07 -3.11
C ASP B 163 31.63 -12.99 -3.36
N ASN B 164 32.05 -12.26 -4.39
CA ASN B 164 33.45 -12.12 -4.72
C ASN B 164 34.09 -10.88 -4.07
N LEU B 165 33.30 -10.07 -3.38
CA LEU B 165 33.90 -9.00 -2.58
C LEU B 165 34.77 -9.57 -1.48
N VAL B 166 35.82 -8.81 -1.11
CA VAL B 166 36.65 -9.20 0.02
C VAL B 166 36.81 -8.10 1.08
N GLU B 167 36.65 -6.84 0.69
CA GLU B 167 36.81 -5.77 1.69
C GLU B 167 36.00 -4.57 1.22
N ILE B 168 35.42 -3.85 2.18
CA ILE B 168 34.57 -2.68 1.93
C ILE B 168 35.03 -1.58 2.87
N GLN B 169 35.38 -0.42 2.30
CA GLN B 169 35.75 0.75 3.10
C GLN B 169 34.48 1.58 3.33
N TYR B 170 33.99 1.54 4.56
CA TYR B 170 32.76 2.22 4.98
C TYR B 170 33.07 3.51 5.70
N MET B 171 32.26 4.55 5.45
CA MET B 171 32.16 5.68 6.37
C MET B 171 30.84 5.57 7.13
N LEU B 172 30.91 5.54 8.46
CA LEU B 172 29.74 5.37 9.31
C LEU B 172 29.08 6.73 9.59
N TYR B 173 27.92 6.67 10.27
CA TYR B 173 27.10 7.86 10.48
C TYR B 173 27.88 8.97 11.19
N ASN B 174 28.88 8.61 11.99
CA ASN B 174 29.65 9.57 12.78
C ASN B 174 30.93 10.00 12.08
N GLY B 175 31.08 9.71 10.79
CA GLY B 175 32.24 10.13 10.02
C GLY B 175 33.46 9.25 10.18
N THR B 176 33.45 8.27 11.09
CA THR B 176 34.57 7.34 11.22
C THR B 176 34.58 6.36 10.05
N ILE B 177 35.78 5.91 9.69
CA ILE B 177 36.00 5.02 8.56
C ILE B 177 36.47 3.67 9.08
N VAL B 178 35.89 2.58 8.56
CA VAL B 178 36.30 1.24 8.94
C VAL B 178 36.42 0.39 7.67
N ASN B 179 37.46 -0.44 7.62
CA ASN B 179 37.66 -1.38 6.53
C ASN B 179 37.02 -2.69 6.96
N ALA B 180 35.85 -2.98 6.39
CA ALA B 180 35.08 -4.17 6.75
C ALA B 180 35.60 -5.34 5.95
N LYS B 181 36.20 -6.31 6.62
CA LYS B 181 36.82 -7.46 5.96
C LYS B 181 35.89 -8.66 5.96
N LYS B 182 36.12 -9.56 5.00
CA LYS B 182 35.41 -10.83 5.00
C LYS B 182 35.59 -11.53 6.33
N GLY B 183 34.47 -11.84 7.00
CA GLY B 183 34.51 -12.37 8.35
C GLY B 183 34.00 -11.43 9.42
N SER B 184 33.64 -10.20 9.07
CA SER B 184 33.11 -9.23 10.02
C SER B 184 31.60 -9.10 9.85
N ASP B 185 30.96 -8.53 10.88
CA ASP B 185 29.51 -8.31 10.84
C ASP B 185 29.14 -7.27 9.79
N LEU B 186 29.91 -6.19 9.70
CA LEU B 186 29.60 -5.13 8.76
C LEU B 186 29.70 -5.62 7.32
N PHE B 187 30.74 -6.39 7.01
CA PHE B 187 30.88 -6.97 5.67
C PHE B 187 29.72 -7.90 5.37
N TRP B 188 29.36 -8.75 6.34
CA TRP B 188 28.23 -9.67 6.17
C TRP B 188 26.96 -8.90 5.86
N ALA B 189 26.71 -7.83 6.63
CA ALA B 189 25.49 -7.05 6.42
C ALA B 189 25.53 -6.28 5.11
N ALA B 190 26.71 -5.86 4.68
CA ALA B 190 26.78 -5.13 3.41
C ALA B 190 26.41 -6.04 2.25
N GLN B 191 26.61 -7.35 2.40
CA GLN B 191 26.30 -8.33 1.37
C GLN B 191 24.80 -8.63 1.44
N GLY B 192 24.02 -7.67 0.97
CA GLY B 192 22.58 -7.80 0.97
C GLY B 192 21.84 -6.55 1.42
N ALA B 193 22.50 -5.70 2.22
CA ALA B 193 21.81 -4.54 2.81
C ALA B 193 22.74 -3.35 3.04
N GLY B 194 23.74 -3.18 2.18
CA GLY B 194 24.83 -2.27 2.47
C GLY B 194 24.45 -0.81 2.65
N ALA B 195 23.37 -0.34 2.02
CA ALA B 195 22.98 1.06 2.18
C ALA B 195 22.47 1.37 3.59
N SER B 196 22.11 0.36 4.36
CA SER B 196 21.57 0.59 5.68
C SER B 196 22.65 0.79 6.74
N PHE B 197 23.94 0.71 6.38
CA PHE B 197 25.00 0.75 7.38
C PHE B 197 26.04 1.84 7.22
N GLY B 198 26.06 2.57 6.11
CA GLY B 198 26.98 3.66 5.93
C GLY B 198 27.14 4.01 4.46
N ILE B 199 28.13 4.86 4.20
CA ILE B 199 28.49 5.28 2.85
C ILE B 199 29.74 4.50 2.44
N ILE B 200 29.68 3.80 1.31
CA ILE B 200 30.81 3.00 0.86
C ILE B 200 31.74 3.86 0.02
N LEU B 201 33.00 4.01 0.49
CA LEU B 201 33.98 4.83 -0.21
C LEU B 201 34.76 4.05 -1.26
N SER B 202 35.07 2.79 -0.99
CA SER B 202 35.67 1.92 -1.98
C SER B 202 35.50 0.47 -1.52
N THR B 203 35.82 -0.45 -2.43
CA THR B 203 35.58 -1.86 -2.24
C THR B 203 36.67 -2.62 -2.98
N LYS B 204 37.06 -3.78 -2.42
CA LYS B 204 37.98 -4.69 -3.07
C LYS B 204 37.26 -5.98 -3.48
N THR B 205 37.61 -6.51 -4.66
CA THR B 205 37.04 -7.75 -5.15
C THR B 205 38.10 -8.68 -5.73
N LYS B 206 37.83 -9.99 -5.62
CA LYS B 206 38.55 -10.99 -6.39
C LYS B 206 38.40 -10.73 -7.88
N THR B 207 39.40 -11.18 -8.65
CA THR B 207 39.38 -11.12 -10.11
C THR B 207 39.81 -12.46 -10.68
N PHE B 208 39.57 -12.64 -11.98
CA PHE B 208 39.76 -13.92 -12.65
C PHE B 208 40.34 -13.74 -14.04
N LYS B 209 41.22 -14.68 -14.42
CA LYS B 209 41.76 -14.72 -15.79
C LYS B 209 40.92 -15.70 -16.62
N PRO B 210 40.26 -15.24 -17.69
CA PRO B 210 39.49 -16.18 -18.52
C PRO B 210 40.41 -17.26 -19.07
N GLN B 211 39.86 -18.47 -19.20
N GLN B 211 39.86 -18.47 -19.20
CA GLN B 211 40.70 -19.58 -19.63
CA GLN B 211 40.68 -19.60 -19.62
C GLN B 211 40.85 -19.67 -21.14
C GLN B 211 40.87 -19.64 -21.13
N PHE B 212 39.94 -19.06 -21.90
CA PHE B 212 40.00 -19.07 -23.36
C PHE B 212 39.80 -17.69 -23.97
N ASP B 213 40.45 -17.49 -25.13
CA ASP B 213 40.36 -16.22 -25.84
C ASP B 213 38.93 -15.90 -26.26
N LYS B 214 38.15 -16.92 -26.59
CA LYS B 214 36.83 -16.76 -27.17
C LYS B 214 35.81 -17.49 -26.33
N ALA B 215 34.56 -17.01 -26.41
CA ALA B 215 33.43 -17.60 -25.70
C ALA B 215 32.23 -17.56 -26.63
N ILE B 216 31.08 -18.08 -26.19
CA ILE B 216 29.94 -18.33 -27.07
C ILE B 216 28.68 -17.68 -26.53
N ASN B 217 27.96 -17.00 -27.41
CA ASN B 217 26.57 -16.62 -27.18
C ASN B 217 25.70 -17.51 -28.06
N PHE B 218 24.61 -18.02 -27.49
CA PHE B 218 23.73 -18.92 -28.23
C PHE B 218 22.27 -18.60 -27.92
N THR B 219 21.41 -19.01 -28.84
CA THR B 219 19.97 -19.01 -28.65
C THR B 219 19.44 -20.44 -28.69
N LEU B 220 18.31 -20.65 -28.03
CA LEU B 220 17.64 -21.93 -28.00
C LEU B 220 16.16 -21.64 -28.21
N SER B 221 15.60 -22.17 -29.30
CA SER B 221 14.22 -21.92 -29.66
C SER B 221 13.45 -23.23 -29.70
N MET B 222 12.30 -23.27 -29.03
CA MET B 222 11.39 -24.40 -29.17
C MET B 222 10.09 -24.04 -29.87
N GLY B 223 9.89 -22.78 -30.23
CA GLY B 223 8.69 -22.41 -30.97
C GLY B 223 7.45 -22.46 -30.10
N ASP B 224 6.35 -22.92 -30.70
CA ASP B 224 5.07 -22.99 -30.00
C ASP B 224 4.92 -24.35 -29.33
N LEU B 225 4.47 -24.33 -28.09
CA LEU B 225 4.20 -25.50 -27.28
C LEU B 225 2.86 -25.31 -26.57
N THR B 226 2.20 -26.44 -26.27
CA THR B 226 1.10 -26.42 -25.31
C THR B 226 1.63 -25.96 -23.95
N PRO B 227 0.76 -25.43 -23.08
CA PRO B 227 1.23 -25.03 -21.74
C PRO B 227 1.96 -26.16 -21.03
N GLU B 228 1.42 -27.40 -21.11
CA GLU B 228 2.05 -28.51 -20.40
C GLU B 228 3.39 -28.88 -21.02
N ALA B 229 3.48 -28.83 -22.36
CA ALA B 229 4.74 -29.14 -23.01
C ALA B 229 5.79 -28.06 -22.73
N GLY B 230 5.37 -26.79 -22.71
CA GLY B 230 6.27 -25.72 -22.31
C GLY B 230 6.80 -25.92 -20.91
N ALA B 231 5.93 -26.39 -20.01
CA ALA B 231 6.33 -26.66 -18.64
C ALA B 231 7.27 -27.87 -18.55
N LYS B 232 6.99 -28.92 -19.34
CA LYS B 232 7.91 -30.06 -19.39
C LYS B 232 9.27 -29.63 -19.92
N ALA B 233 9.28 -28.72 -20.90
CA ALA B 233 10.55 -28.24 -21.46
C ALA B 233 11.38 -27.51 -20.41
N LEU B 234 10.75 -26.66 -19.58
CA LEU B 234 11.50 -26.01 -18.50
C LEU B 234 12.05 -27.02 -17.51
N VAL B 235 11.20 -27.96 -17.06
CA VAL B 235 11.69 -28.94 -16.10
C VAL B 235 12.82 -29.76 -16.70
N ALA B 236 12.79 -30.00 -18.01
CA ALA B 236 13.88 -30.70 -18.67
C ALA B 236 15.18 -29.91 -18.65
N ILE B 237 15.10 -28.58 -18.85
CA ILE B 237 16.29 -27.72 -18.74
C ILE B 237 16.83 -27.76 -17.32
N GLN B 238 15.93 -27.69 -16.35
CA GLN B 238 16.29 -27.80 -14.95
C GLN B 238 16.97 -29.13 -14.66
N ASP B 239 16.37 -30.24 -15.12
CA ASP B 239 16.99 -31.53 -14.88
C ASP B 239 18.41 -31.56 -15.42
N TYR B 240 18.58 -31.02 -16.64
CA TYR B 240 19.89 -31.02 -17.27
C TYR B 240 20.87 -30.18 -16.45
N SER B 241 20.44 -28.99 -16.03
CA SER B 241 21.35 -28.10 -15.32
C SER B 241 21.85 -28.70 -14.02
N LEU B 242 21.09 -29.63 -13.42
CA LEU B 242 21.45 -30.32 -12.18
C LEU B 242 22.24 -31.60 -12.43
N SER B 243 22.40 -32.00 -13.69
CA SER B 243 23.00 -33.27 -14.03
C SER B 243 24.49 -33.13 -14.28
N LYS B 244 25.16 -34.28 -14.33
CA LYS B 244 26.59 -34.31 -14.65
C LYS B 244 26.88 -33.80 -16.05
N ASP B 245 25.87 -33.59 -16.88
CA ASP B 245 26.08 -33.19 -18.28
C ASP B 245 26.23 -31.69 -18.47
N CYS B 246 25.89 -30.89 -17.45
CA CYS B 246 25.89 -29.42 -17.55
C CYS B 246 27.08 -28.84 -16.80
N PRO B 247 28.02 -28.20 -17.46
CA PRO B 247 29.17 -27.64 -16.74
C PRO B 247 28.83 -26.30 -16.14
N ASP B 248 29.61 -25.92 -15.12
CA ASP B 248 29.30 -24.67 -14.43
C ASP B 248 29.58 -23.45 -15.31
N THR B 249 30.34 -23.63 -16.40
CA THR B 249 30.64 -22.55 -17.34
C THR B 249 29.50 -22.22 -18.30
N TRP B 250 28.41 -23.01 -18.26
CA TRP B 250 27.19 -22.71 -19.00
C TRP B 250 26.45 -21.57 -18.34
N ALA B 251 25.56 -20.93 -19.10
CA ALA B 251 24.68 -19.88 -18.62
C ALA B 251 23.42 -19.92 -19.47
N PHE B 252 22.25 -19.67 -18.85
CA PHE B 252 21.03 -19.72 -19.65
C PHE B 252 19.91 -18.88 -19.05
N ARG B 253 19.21 -18.17 -19.93
CA ARG B 253 18.04 -17.36 -19.62
C ARG B 253 16.85 -17.94 -20.38
N TRP B 254 15.88 -18.48 -19.66
CA TRP B 254 14.63 -18.96 -20.24
C TRP B 254 13.64 -17.82 -20.25
N ASN B 255 13.19 -17.40 -21.43
CA ASN B 255 12.31 -16.24 -21.50
C ASN B 255 10.95 -16.56 -20.90
N ILE B 256 10.34 -15.58 -20.24
CA ILE B 256 8.94 -15.74 -19.84
C ILE B 256 8.15 -14.77 -20.73
N MET B 257 8.11 -15.07 -22.02
CA MET B 257 7.57 -14.18 -23.04
C MET B 257 6.70 -14.96 -24.02
N ALA B 258 6.41 -16.23 -23.73
CA ALA B 258 5.80 -17.10 -24.71
C ALA B 258 4.39 -16.62 -25.07
N PRO B 259 3.96 -16.85 -26.32
CA PRO B 259 4.77 -17.46 -27.39
C PRO B 259 5.71 -16.48 -28.05
N PRO B 260 6.88 -16.95 -28.50
CA PRO B 260 7.35 -18.34 -28.45
C PRO B 260 8.09 -18.74 -27.16
N TYR B 261 8.39 -20.03 -27.02
CA TYR B 261 9.24 -20.55 -25.95
C TYR B 261 10.69 -20.56 -26.44
N ASP B 262 11.55 -19.75 -25.83
CA ASP B 262 12.94 -19.73 -26.23
C ASP B 262 13.76 -19.12 -25.12
N GLY B 263 15.08 -19.08 -25.34
CA GLY B 263 15.96 -18.52 -24.33
C GLY B 263 17.25 -18.09 -24.99
N THR B 264 18.09 -17.42 -24.21
CA THR B 264 19.42 -16.99 -24.65
C THR B 264 20.44 -17.44 -23.60
N GLY B 265 21.62 -17.89 -24.06
CA GLY B 265 22.65 -18.23 -23.13
C GLY B 265 24.06 -18.01 -23.62
N TYR B 266 25.00 -18.49 -22.83
CA TYR B 266 26.42 -18.27 -23.04
C TYR B 266 27.16 -19.52 -22.63
N PHE B 267 28.37 -19.69 -23.14
CA PHE B 267 29.19 -20.83 -22.73
C PHE B 267 30.63 -20.36 -22.65
N TYR B 268 31.23 -20.53 -21.47
CA TYR B 268 32.55 -20.00 -21.15
C TYR B 268 33.61 -21.09 -20.98
N GLY B 269 33.35 -22.27 -21.51
CA GLY B 269 34.35 -23.31 -21.64
C GLY B 269 35.04 -23.23 -22.98
N ASN B 270 35.71 -24.32 -23.33
CA ASN B 270 36.37 -24.44 -24.63
C ASN B 270 35.32 -24.34 -25.73
N PRO B 271 35.42 -23.37 -26.64
CA PRO B 271 34.35 -23.26 -27.65
C PRO B 271 34.16 -24.54 -28.46
N SER B 272 35.22 -25.33 -28.64
CA SER B 272 35.12 -26.58 -29.38
C SER B 272 34.23 -27.60 -28.69
N SER B 273 33.96 -27.43 -27.39
CA SER B 273 33.19 -28.38 -26.61
C SER B 273 31.71 -28.11 -26.66
N PHE B 274 31.27 -27.02 -27.29
CA PHE B 274 29.89 -26.54 -27.11
C PHE B 274 28.88 -27.58 -27.56
N ASP B 275 29.08 -28.19 -28.73
CA ASP B 275 28.11 -29.15 -29.25
C ASP B 275 27.94 -30.34 -28.31
N SER B 276 29.06 -30.87 -27.80
CA SER B 276 28.96 -32.03 -26.93
C SER B 276 28.36 -31.68 -25.58
N VAL B 277 28.67 -30.48 -25.06
CA VAL B 277 28.02 -29.98 -23.85
C VAL B 277 26.50 -29.96 -24.02
N MET B 278 26.03 -29.47 -25.16
CA MET B 278 24.60 -29.29 -25.39
C MET B 278 23.87 -30.57 -25.77
N ALA B 279 24.58 -31.56 -26.29
CA ALA B 279 23.90 -32.68 -26.95
C ALA B 279 22.88 -33.36 -26.06
N PRO B 280 23.15 -33.66 -24.77
CA PRO B 280 22.12 -34.35 -23.97
C PRO B 280 20.88 -33.49 -23.75
N LEU B 281 21.02 -32.17 -23.68
CA LEU B 281 19.86 -31.30 -23.53
C LEU B 281 19.04 -31.26 -24.82
N VAL B 282 19.71 -31.05 -25.94
CA VAL B 282 19.00 -30.98 -27.22
C VAL B 282 18.24 -32.27 -27.47
N LYS B 283 18.86 -33.40 -27.19
CA LYS B 283 18.20 -34.69 -27.42
C LYS B 283 16.93 -34.79 -26.60
N LYS B 284 16.96 -34.34 -25.34
CA LYS B 284 15.78 -34.44 -24.49
C LYS B 284 14.69 -33.50 -24.99
N LEU B 285 15.07 -32.25 -25.31
CA LEU B 285 14.08 -31.28 -25.79
C LEU B 285 13.48 -31.70 -27.12
N LYS B 286 14.24 -32.41 -27.96
CA LYS B 286 13.67 -32.87 -29.24
C LYS B 286 12.61 -33.94 -29.04
N THR B 287 12.62 -34.67 -27.92
CA THR B 287 11.49 -35.56 -27.64
C THR B 287 10.22 -34.77 -27.31
N ILE B 288 10.35 -33.51 -26.87
CA ILE B 288 9.21 -32.66 -26.58
C ILE B 288 8.73 -31.91 -27.81
N SER B 289 9.66 -31.45 -28.64
CA SER B 289 9.29 -30.82 -29.91
C SER B 289 10.45 -30.94 -30.88
N SER B 290 10.15 -31.42 -32.09
CA SER B 290 11.17 -31.48 -33.13
C SER B 290 11.57 -30.11 -33.63
N ASN B 291 10.85 -29.04 -33.26
CA ASN B 291 11.22 -27.69 -33.67
C ASN B 291 12.39 -27.14 -32.87
N THR B 292 12.83 -27.85 -31.82
CA THR B 292 13.96 -27.43 -31.02
C THR B 292 15.16 -27.12 -31.90
N ALA B 293 15.79 -25.97 -31.66
CA ALA B 293 16.85 -25.49 -32.53
C ALA B 293 17.80 -24.60 -31.75
N VAL B 294 19.08 -24.75 -32.02
CA VAL B 294 20.12 -23.96 -31.35
C VAL B 294 20.93 -23.21 -32.40
N LYS B 295 21.26 -21.96 -32.10
N LYS B 295 21.28 -21.97 -32.09
CA LYS B 295 22.20 -21.18 -32.91
CA LYS B 295 22.18 -21.15 -32.91
C LYS B 295 23.25 -20.60 -31.98
C LYS B 295 23.24 -20.58 -31.97
N SER B 296 24.51 -20.67 -32.40
CA SER B 296 25.62 -20.20 -31.60
C SER B 296 26.59 -19.37 -32.43
N THR B 297 27.29 -18.46 -31.74
CA THR B 297 28.35 -17.65 -32.30
C THR B 297 29.54 -17.71 -31.37
N VAL B 298 30.74 -17.80 -31.95
CA VAL B 298 31.98 -17.80 -31.19
C VAL B 298 32.58 -16.41 -31.34
N LEU B 299 32.75 -15.69 -30.21
CA LEU B 299 33.25 -14.32 -30.21
C LEU B 299 34.48 -14.17 -29.33
N PRO B 300 35.41 -13.28 -29.71
CA PRO B 300 36.45 -12.84 -28.76
C PRO B 300 35.83 -12.38 -27.44
N TRP B 301 36.58 -12.62 -26.36
CA TRP B 301 36.09 -12.32 -25.02
C TRP B 301 35.46 -10.93 -24.91
N TRP B 302 36.19 -9.87 -25.31
CA TRP B 302 35.66 -8.53 -25.08
C TRP B 302 34.46 -8.21 -25.98
N ASP B 303 34.45 -8.74 -27.20
CA ASP B 303 33.28 -8.57 -28.06
C ASP B 303 32.02 -9.17 -27.44
N LEU B 304 32.12 -10.33 -26.79
CA LEU B 304 30.97 -10.88 -26.10
C LEU B 304 30.58 -9.99 -24.91
N GLU B 305 31.55 -9.50 -24.16
CA GLU B 305 31.19 -8.63 -23.05
C GLU B 305 30.44 -7.39 -23.56
N VAL B 306 30.80 -6.90 -24.73
CA VAL B 306 30.11 -5.74 -25.31
C VAL B 306 28.70 -6.13 -25.71
N ALA B 307 28.52 -7.32 -26.28
CA ALA B 307 27.18 -7.80 -26.59
C ALA B 307 26.32 -7.92 -25.34
N VAL B 308 26.92 -8.35 -24.22
CA VAL B 308 26.16 -8.64 -23.02
C VAL B 308 25.74 -7.35 -22.32
N ALA B 309 26.67 -6.41 -22.16
CA ALA B 309 26.43 -5.22 -21.33
C ALA B 309 26.35 -3.94 -22.14
N GLY B 310 26.52 -4.02 -23.45
CA GLY B 310 26.25 -2.92 -24.33
C GLY B 310 27.48 -2.15 -24.78
N PRO B 311 27.28 -1.27 -25.76
CA PRO B 311 28.38 -0.46 -26.27
C PRO B 311 29.00 0.48 -25.24
N GLY B 312 28.27 0.78 -24.17
CA GLY B 312 28.84 1.55 -23.09
C GLY B 312 30.06 0.93 -22.45
N MET B 313 30.29 -0.37 -22.68
CA MET B 313 31.48 -0.98 -22.11
C MET B 313 32.74 -0.25 -22.55
N ASN B 314 32.69 0.41 -23.70
CA ASN B 314 33.84 1.10 -24.26
C ASN B 314 33.87 2.59 -23.99
N GLN B 315 32.84 3.15 -23.38
CA GLN B 315 32.57 4.59 -23.36
C GLN B 315 32.78 5.17 -21.97
N PRO B 316 33.11 6.46 -21.86
CA PRO B 316 33.16 7.11 -20.54
C PRO B 316 31.87 6.93 -19.77
N ASN B 317 32.01 6.71 -18.44
CA ASN B 317 30.90 6.50 -17.54
C ASN B 317 30.10 5.23 -17.83
N GLY B 318 30.53 4.44 -18.81
CA GLY B 318 29.70 3.36 -19.26
C GLY B 318 28.52 3.78 -20.12
N GLY B 319 28.58 4.96 -20.74
CA GLY B 319 27.48 5.41 -21.58
C GLY B 319 26.48 6.25 -20.79
N ALA B 320 25.24 6.27 -21.31
CA ALA B 320 24.18 7.07 -20.72
C ALA B 320 23.26 6.24 -19.84
N LEU B 321 22.55 6.95 -18.95
CA LEU B 321 21.63 6.33 -18.02
C LEU B 321 20.43 5.73 -18.73
N GLY B 322 19.82 6.50 -19.63
CA GLY B 322 18.58 6.03 -20.21
C GLY B 322 17.47 6.07 -19.17
N GLY B 323 16.48 5.21 -19.37
CA GLY B 323 15.40 5.06 -18.41
C GLY B 323 14.10 4.63 -19.04
N ARG B 324 13.23 4.04 -18.22
CA ARG B 324 11.85 3.74 -18.59
C ARG B 324 11.03 3.61 -17.32
N SER B 325 9.71 3.48 -17.52
CA SER B 325 8.75 3.40 -16.44
C SER B 325 8.30 1.95 -16.30
N PHE B 326 8.54 1.35 -15.13
CA PHE B 326 8.25 -0.08 -14.99
C PHE B 326 8.08 -0.44 -13.53
N TYR B 327 7.65 -1.69 -13.30
CA TYR B 327 7.42 -2.22 -11.95
C TYR B 327 7.90 -3.68 -11.89
N THR B 328 8.89 -3.92 -11.04
CA THR B 328 9.61 -5.18 -10.99
C THR B 328 9.09 -6.12 -9.90
N GLN B 329 8.85 -7.37 -10.28
CA GLN B 329 8.67 -8.46 -9.33
C GLN B 329 9.74 -9.52 -9.58
N SER B 330 10.18 -10.18 -8.51
CA SER B 330 11.20 -11.20 -8.68
C SER B 330 11.16 -12.22 -7.54
N LEU B 331 11.32 -13.48 -7.89
CA LEU B 331 11.33 -14.59 -6.94
C LEU B 331 12.54 -15.45 -7.27
N THR B 332 13.16 -15.99 -6.23
CA THR B 332 14.21 -16.99 -6.37
C THR B 332 13.78 -18.30 -5.71
N THR B 333 14.33 -19.40 -6.22
CA THR B 333 14.15 -20.73 -5.63
C THR B 333 15.47 -21.46 -5.58
N THR B 334 15.52 -22.56 -4.81
CA THR B 334 16.79 -23.23 -4.56
C THR B 334 16.74 -24.68 -5.02
N THR B 335 17.89 -25.34 -5.02
CA THR B 335 17.91 -26.76 -5.39
C THR B 335 17.21 -27.66 -4.37
N ASP B 336 16.90 -27.16 -3.16
CA ASP B 336 16.14 -27.94 -2.19
C ASP B 336 14.69 -28.20 -2.64
N HIS B 337 14.17 -27.40 -3.56
CA HIS B 337 12.79 -27.50 -4.02
C HIS B 337 12.73 -27.24 -5.52
N PRO B 338 13.27 -28.16 -6.32
CA PRO B 338 13.21 -27.99 -7.78
C PRO B 338 11.78 -27.78 -8.27
N LEU B 339 11.65 -26.97 -9.33
CA LEU B 339 10.33 -26.68 -9.86
C LEU B 339 9.71 -27.95 -10.46
N THR B 340 8.40 -28.06 -10.31
CA THR B 340 7.60 -29.12 -10.90
C THR B 340 6.94 -28.60 -12.17
N VAL B 341 6.40 -29.55 -12.94
CA VAL B 341 5.62 -29.14 -14.12
C VAL B 341 4.44 -28.30 -13.70
N LYS B 342 3.77 -28.70 -12.61
CA LYS B 342 2.62 -27.94 -12.11
C LYS B 342 2.97 -26.48 -11.87
N GLN B 343 4.09 -26.23 -11.17
CA GLN B 343 4.50 -24.87 -10.86
C GLN B 343 4.91 -24.10 -12.11
N ALA B 344 5.64 -24.74 -13.01
CA ALA B 344 6.09 -24.06 -14.22
C ALA B 344 4.90 -23.68 -15.11
N GLN B 345 3.90 -24.55 -15.15
CA GLN B 345 2.72 -24.29 -15.96
C GLN B 345 1.92 -23.14 -15.38
N ILE B 346 1.76 -23.11 -14.05
CA ILE B 346 1.03 -22.01 -13.41
C ILE B 346 1.72 -20.69 -13.62
N LEU B 347 3.05 -20.68 -13.53
CA LEU B 347 3.81 -19.46 -13.78
C LEU B 347 3.50 -18.90 -15.16
N PHE B 348 3.66 -19.72 -16.21
CA PHE B 348 3.50 -19.19 -17.58
C PHE B 348 2.03 -18.89 -17.89
N GLU B 349 1.10 -19.68 -17.37
CA GLU B 349 -0.30 -19.42 -17.66
C GLU B 349 -0.73 -18.10 -17.05
N GLY B 350 -0.27 -17.81 -15.84
CA GLY B 350 -0.70 -16.58 -15.19
C GLY B 350 -0.01 -15.31 -15.69
N THR B 351 1.25 -15.41 -16.11
CA THR B 351 2.04 -14.26 -16.51
C THR B 351 1.98 -14.09 -18.03
N THR B 352 2.97 -14.62 -18.77
CA THR B 352 3.10 -14.27 -20.18
C THR B 352 1.89 -14.74 -21.00
N LEU B 353 1.35 -15.92 -20.70
CA LEU B 353 0.27 -16.44 -21.56
C LEU B 353 -1.05 -15.70 -21.36
N ALA B 354 -1.24 -15.07 -20.20
CA ALA B 354 -2.42 -14.26 -19.95
C ALA B 354 -2.26 -12.79 -20.30
N PHE B 355 -1.03 -12.28 -20.38
CA PHE B 355 -0.80 -10.84 -20.52
C PHE B 355 -1.50 -10.30 -21.75
N ASN B 356 -2.31 -9.24 -21.58
CA ASN B 356 -2.94 -8.66 -22.76
C ASN B 356 -3.10 -7.14 -22.64
N ARG B 357 -2.12 -6.46 -22.08
CA ARG B 357 -2.18 -5.01 -21.98
C ARG B 357 -1.74 -4.37 -23.30
N THR B 358 -2.31 -3.20 -23.59
CA THR B 358 -1.84 -2.39 -24.70
C THR B 358 -1.23 -1.07 -24.25
N ASP B 359 -1.24 -0.79 -22.94
CA ASP B 359 -0.60 0.39 -22.38
C ASP B 359 0.72 0.07 -21.68
N MET B 360 1.14 -1.20 -21.67
CA MET B 360 2.50 -1.54 -21.26
C MET B 360 2.86 -2.87 -21.91
N THR B 361 4.16 -3.17 -21.91
N THR B 361 4.16 -3.18 -21.88
CA THR B 361 4.72 -4.29 -22.65
CA THR B 361 4.75 -4.27 -22.64
C THR B 361 5.44 -5.22 -21.67
C THR B 361 5.45 -5.22 -21.66
N LYS B 362 5.12 -6.50 -21.75
CA LYS B 362 5.70 -7.47 -20.81
C LYS B 362 7.20 -7.66 -21.05
N PHE B 363 7.90 -7.98 -19.94
CA PHE B 363 9.34 -8.29 -19.94
C PHE B 363 9.57 -9.28 -18.82
N GLY B 364 9.80 -10.53 -19.16
CA GLY B 364 9.93 -11.59 -18.16
C GLY B 364 11.00 -12.57 -18.59
N TYR B 365 11.70 -13.13 -17.59
CA TYR B 365 12.69 -14.17 -17.85
C TYR B 365 13.05 -14.85 -16.54
N MET B 366 13.64 -16.03 -16.64
CA MET B 366 14.22 -16.69 -15.48
C MET B 366 15.65 -17.10 -15.83
N ASP B 367 16.60 -16.61 -15.04
CA ASP B 367 17.99 -16.98 -15.20
C ASP B 367 18.30 -18.23 -14.40
N LEU B 368 18.95 -19.19 -15.05
CA LEU B 368 19.47 -20.34 -14.34
C LEU B 368 20.59 -19.88 -13.41
N TRP B 369 20.47 -20.16 -12.12
CA TRP B 369 21.51 -19.87 -11.14
C TRP B 369 22.30 -21.15 -10.95
N GLY B 370 22.16 -21.82 -9.80
CA GLY B 370 22.87 -23.06 -9.61
C GLY B 370 24.36 -22.90 -9.68
N GLY B 371 25.02 -23.89 -10.28
CA GLY B 371 26.47 -23.85 -10.32
C GLY B 371 27.08 -23.76 -8.91
N VAL B 372 28.01 -22.81 -8.73
CA VAL B 372 28.76 -22.73 -7.48
C VAL B 372 27.91 -22.21 -6.31
N SER B 373 26.64 -21.90 -6.54
CA SER B 373 25.78 -21.62 -5.40
C SER B 373 25.65 -22.84 -4.48
N ARG B 374 26.06 -24.03 -4.95
CA ARG B 374 25.93 -25.24 -4.16
C ARG B 374 26.75 -25.17 -2.87
N SER B 375 27.80 -24.33 -2.84
CA SER B 375 28.69 -24.18 -1.71
C SER B 375 28.34 -23.03 -0.78
N ILE B 376 27.27 -22.29 -1.10
CA ILE B 376 26.84 -21.14 -0.31
C ILE B 376 25.68 -21.53 0.58
N LYS B 377 25.68 -21.02 1.81
CA LYS B 377 24.62 -21.25 2.79
C LYS B 377 23.86 -19.93 2.99
N ASP B 378 22.58 -20.03 3.33
CA ASP B 378 21.78 -18.83 3.55
C ASP B 378 22.39 -17.93 4.63
N SER B 379 23.02 -18.52 5.65
CA SER B 379 23.63 -17.71 6.71
C SER B 379 24.95 -17.06 6.31
N ASP B 380 25.50 -17.36 5.11
CA ASP B 380 26.83 -16.88 4.80
C ASP B 380 26.87 -15.37 4.53
N THR B 381 25.76 -14.80 4.10
CA THR B 381 25.63 -13.40 3.69
C THR B 381 24.26 -12.93 4.17
N ALA B 382 24.13 -11.62 4.45
CA ALA B 382 22.82 -11.10 4.83
C ALA B 382 21.73 -11.50 3.83
N TYR B 383 21.95 -11.20 2.55
CA TYR B 383 21.00 -11.61 1.51
C TYR B 383 21.13 -13.13 1.36
N ALA B 384 20.07 -13.85 1.70
CA ALA B 384 20.13 -15.30 1.76
C ALA B 384 19.92 -15.91 0.39
N HIS B 385 20.95 -16.59 -0.13
CA HIS B 385 20.86 -17.08 -1.50
C HIS B 385 21.54 -18.44 -1.66
N GLY B 386 21.74 -19.17 -0.58
CA GLY B 386 22.35 -20.50 -0.58
C GLY B 386 21.66 -21.45 -1.52
N LYS B 387 22.42 -22.14 -2.37
CA LYS B 387 21.86 -23.15 -3.26
C LYS B 387 20.76 -22.59 -4.18
N ASN B 388 20.79 -21.29 -4.48
CA ASN B 388 19.80 -20.78 -5.42
C ASN B 388 19.93 -21.47 -6.77
N LEU B 389 18.77 -21.64 -7.43
CA LEU B 389 18.69 -22.37 -8.70
C LEU B 389 18.02 -21.56 -9.80
N TRP B 390 17.08 -20.67 -9.44
CA TRP B 390 16.41 -19.85 -10.44
C TRP B 390 16.26 -18.43 -9.94
N LEU B 391 16.51 -17.46 -10.84
CA LEU B 391 16.22 -16.06 -10.60
C LEU B 391 15.13 -15.65 -11.61
N ILE B 392 13.91 -15.46 -11.11
CA ILE B 392 12.74 -15.18 -11.91
C ILE B 392 12.40 -13.70 -11.84
N ARG B 393 12.24 -13.05 -12.99
CA ARG B 393 11.85 -11.65 -13.06
C ARG B 393 10.59 -11.53 -13.92
N TRP B 394 9.55 -10.90 -13.37
CA TRP B 394 8.32 -10.62 -14.12
C TRP B 394 8.05 -9.14 -14.05
N ASP B 395 7.98 -8.50 -15.21
CA ASP B 395 8.06 -7.05 -15.29
C ASP B 395 7.20 -6.60 -16.47
N ALA B 396 6.90 -5.30 -16.48
CA ALA B 396 6.22 -4.69 -17.62
C ALA B 396 6.63 -3.22 -17.70
N ASN B 397 6.83 -2.76 -18.94
CA ASN B 397 7.33 -1.42 -19.23
C ASN B 397 6.20 -0.58 -19.78
N ALA B 398 6.07 0.66 -19.28
CA ALA B 398 4.98 1.52 -19.71
C ALA B 398 5.31 2.03 -21.09
N ILE B 399 4.32 1.99 -21.98
CA ILE B 399 4.44 2.70 -23.25
C ILE B 399 4.47 4.20 -23.01
N GLY B 400 3.51 4.71 -22.23
CA GLY B 400 3.54 6.07 -21.74
C GLY B 400 3.73 6.14 -20.24
N ALA B 401 2.83 6.82 -19.53
CA ALA B 401 2.86 6.76 -18.07
C ALA B 401 2.46 5.38 -17.59
N TYR B 402 2.95 5.01 -16.42
CA TYR B 402 2.62 3.67 -15.89
C TYR B 402 1.13 3.66 -15.57
N PRO B 403 0.36 2.70 -16.10
CA PRO B 403 -1.09 2.68 -15.88
C PRO B 403 -1.48 2.60 -14.42
N SER B 404 -2.60 3.24 -14.09
N SER B 404 -2.61 3.24 -14.09
CA SER B 404 -3.03 3.33 -12.70
CA SER B 404 -3.02 3.34 -12.70
C SER B 404 -3.27 1.95 -12.10
C SER B 404 -3.34 1.98 -12.09
N ASP B 405 -3.87 1.05 -12.87
CA ASP B 405 -4.20 -0.29 -12.41
C ASP B 405 -3.10 -1.30 -12.73
N GLY B 406 -1.95 -0.83 -13.21
CA GLY B 406 -0.93 -1.75 -13.68
C GLY B 406 -0.27 -2.58 -12.60
N ILE B 407 -0.14 -2.03 -11.39
CA ILE B 407 0.53 -2.78 -10.33
C ILE B 407 -0.35 -3.92 -9.87
N SER B 408 -1.64 -3.64 -9.59
CA SER B 408 -2.52 -4.74 -9.21
C SER B 408 -2.59 -5.80 -10.30
N TYR B 409 -2.63 -5.37 -11.56
CA TYR B 409 -2.64 -6.30 -12.68
C TYR B 409 -1.43 -7.22 -12.63
N MET B 410 -0.25 -6.64 -12.43
CA MET B 410 0.95 -7.48 -12.49
C MET B 410 1.10 -8.40 -11.25
N ARG B 411 0.70 -7.94 -10.07
CA ARG B 411 0.82 -8.78 -8.88
C ARG B 411 -0.15 -9.96 -8.95
N ALA B 412 -1.38 -9.72 -9.41
CA ALA B 412 -2.35 -10.80 -9.54
C ALA B 412 -1.87 -11.85 -10.52
N SER B 413 -1.14 -11.44 -11.56
CA SER B 413 -0.75 -12.38 -12.61
C SER B 413 0.18 -13.45 -12.08
N ILE B 414 0.99 -13.16 -11.06
CA ILE B 414 1.99 -14.11 -10.55
C ILE B 414 1.63 -14.69 -9.18
N LYS B 415 0.58 -14.17 -8.54
CA LYS B 415 0.17 -14.70 -7.24
C LYS B 415 -0.12 -16.19 -7.28
N PRO B 416 -0.80 -16.75 -8.29
CA PRO B 416 -1.00 -18.20 -8.31
C PRO B 416 0.29 -18.98 -8.31
N PHE B 417 1.34 -18.45 -8.92
CA PHE B 417 2.64 -19.11 -8.88
C PHE B 417 3.21 -19.08 -7.47
N GLU B 418 3.16 -17.92 -6.80
CA GLU B 418 3.59 -17.84 -5.41
C GLU B 418 2.86 -18.88 -4.57
N ASP B 419 1.54 -18.99 -4.77
CA ASP B 419 0.76 -19.99 -4.02
C ASP B 419 1.28 -21.40 -4.32
N SER B 420 1.54 -21.72 -5.60
CA SER B 420 1.97 -23.07 -5.96
C SER B 420 3.34 -23.40 -5.36
N LEU B 421 4.19 -22.38 -5.16
CA LEU B 421 5.48 -22.60 -4.51
C LEU B 421 5.26 -23.05 -3.07
N VAL B 422 4.44 -22.30 -2.34
CA VAL B 422 4.19 -22.63 -0.93
C VAL B 422 3.44 -23.94 -0.80
N LYS B 423 2.43 -24.16 -1.64
CA LYS B 423 1.65 -25.40 -1.57
C LYS B 423 2.51 -26.60 -1.87
N GLY B 424 3.59 -26.42 -2.64
CA GLY B 424 4.50 -27.48 -3.02
C GLY B 424 5.63 -27.73 -2.06
N GLY B 425 5.75 -26.93 -1.00
CA GLY B 425 6.78 -27.12 0.00
C GLY B 425 7.95 -26.18 -0.12
N ALA B 426 7.95 -25.30 -1.11
CA ALA B 426 8.99 -24.32 -1.34
C ALA B 426 8.73 -23.07 -0.48
N LYS B 427 9.68 -22.14 -0.51
CA LYS B 427 9.56 -20.90 0.24
C LYS B 427 9.49 -19.74 -0.75
N LEU B 428 8.95 -18.62 -0.30
CA LEU B 428 8.99 -17.40 -1.09
C LEU B 428 10.26 -16.67 -0.71
N ARG B 429 11.11 -16.43 -1.73
CA ARG B 429 12.41 -15.80 -1.64
C ARG B 429 12.55 -14.82 -2.80
N GLY B 430 13.38 -13.82 -2.60
CA GLY B 430 13.55 -12.72 -3.55
C GLY B 430 15.00 -12.50 -3.93
N PHE B 431 15.29 -11.29 -4.45
CA PHE B 431 16.62 -10.94 -4.98
C PHE B 431 16.76 -9.43 -4.84
N VAL B 432 17.81 -8.97 -4.17
CA VAL B 432 17.80 -7.62 -3.63
C VAL B 432 17.78 -6.59 -4.78
N ASN B 433 18.56 -6.78 -5.84
CA ASN B 433 18.56 -5.81 -6.95
C ASN B 433 17.19 -5.78 -7.63
N TYR B 434 16.43 -6.88 -7.57
CA TYR B 434 15.06 -6.93 -8.10
C TYR B 434 14.02 -6.87 -6.98
N ALA B 435 14.28 -6.06 -5.95
CA ALA B 435 13.34 -5.95 -4.83
C ALA B 435 12.02 -5.41 -5.32
N ASP B 436 10.95 -5.75 -4.59
CA ASP B 436 9.56 -5.53 -5.00
C ASP B 436 9.01 -4.40 -4.14
N THR B 437 8.74 -3.23 -4.76
CA THR B 437 8.41 -2.05 -3.98
C THR B 437 7.12 -2.18 -3.17
N GLU B 438 6.25 -3.14 -3.52
CA GLU B 438 4.91 -3.21 -2.93
C GLU B 438 4.84 -4.12 -1.71
N LEU B 439 5.95 -4.76 -1.30
CA LEU B 439 5.87 -5.75 -0.24
C LEU B 439 5.88 -5.09 1.14
N THR B 440 5.18 -5.72 2.10
CA THR B 440 5.27 -5.30 3.49
C THR B 440 6.63 -5.73 4.07
N GLU B 441 6.96 -5.15 5.23
CA GLU B 441 8.21 -5.57 5.88
C GLU B 441 8.21 -7.07 6.19
N LYS B 442 7.08 -7.59 6.65
CA LYS B 442 7.00 -9.03 6.90
C LYS B 442 7.36 -9.83 5.65
N GLU B 443 6.91 -9.36 4.49
CA GLU B 443 7.20 -10.08 3.25
C GLU B 443 8.65 -9.91 2.81
N TRP B 444 9.12 -8.67 2.63
CA TRP B 444 10.46 -8.53 2.05
C TRP B 444 11.53 -9.01 3.03
N SER B 445 11.31 -8.80 4.32
N SER B 445 11.34 -8.80 4.33
CA SER B 445 12.30 -9.27 5.30
CA SER B 445 12.34 -9.27 5.29
C SER B 445 12.45 -10.79 5.20
C SER B 445 12.45 -10.79 5.24
N SER B 446 11.32 -11.50 5.10
CA SER B 446 11.37 -12.94 4.92
C SER B 446 12.03 -13.30 3.56
N ARG B 447 11.60 -12.66 2.50
CA ARG B 447 12.05 -13.11 1.18
C ARG B 447 13.52 -12.77 0.91
N LEU B 448 14.01 -11.65 1.44
CA LEU B 448 15.39 -11.28 1.17
C LEU B 448 16.35 -11.82 2.23
N TYR B 449 15.97 -11.79 3.50
CA TYR B 449 16.91 -12.05 4.58
C TYR B 449 16.58 -13.29 5.40
N ASP B 450 15.38 -13.85 5.26
CA ASP B 450 14.91 -15.01 6.04
C ASP B 450 15.34 -15.00 7.51
N GLY B 451 16.02 -16.06 7.98
CA GLY B 451 16.48 -16.22 9.35
C GLY B 451 17.73 -15.44 9.67
N ASN B 452 18.15 -14.55 8.77
CA ASN B 452 19.21 -13.59 9.02
C ASN B 452 18.71 -12.24 9.53
N PHE B 453 17.40 -12.01 9.55
CA PHE B 453 16.89 -10.67 9.74
C PHE B 453 17.10 -10.18 11.17
N GLU B 454 16.93 -11.05 12.16
CA GLU B 454 17.13 -10.61 13.54
C GLU B 454 18.56 -10.16 13.77
N ARG B 455 19.53 -10.94 13.32
CA ARG B 455 20.93 -10.54 13.41
C ARG B 455 21.18 -9.22 12.67
N LEU B 456 20.58 -9.06 11.48
N LEU B 456 20.55 -9.04 11.51
CA LEU B 456 20.75 -7.82 10.75
CA LEU B 456 20.74 -7.83 10.73
C LEU B 456 20.32 -6.62 11.58
C LEU B 456 20.26 -6.59 11.48
N LYS B 457 19.15 -6.71 12.22
CA LYS B 457 18.68 -5.59 13.02
C LYS B 457 19.60 -5.32 14.21
N GLN B 458 20.21 -6.36 14.76
CA GLN B 458 21.15 -6.12 15.85
C GLN B 458 22.40 -5.39 15.35
N ILE B 459 22.91 -5.80 14.18
CA ILE B 459 24.04 -5.08 13.58
C ILE B 459 23.63 -3.66 13.24
N LYS B 460 22.40 -3.48 12.73
CA LYS B 460 21.84 -2.16 12.49
C LYS B 460 21.87 -1.28 13.74
N ALA B 461 21.35 -1.78 14.86
CA ALA B 461 21.40 -1.02 16.10
C ALA B 461 22.83 -0.71 16.52
N ARG B 462 23.79 -1.58 16.17
CA ARG B 462 25.18 -1.35 16.51
C ARG B 462 25.78 -0.18 15.71
N TYR B 463 25.55 -0.17 14.40
CA TYR B 463 26.31 0.73 13.53
C TYR B 463 25.55 1.98 13.12
N ASP B 464 24.24 2.02 13.31
CA ASP B 464 23.45 3.20 12.95
C ASP B 464 22.37 3.41 14.00
N PRO B 465 22.75 3.63 15.26
CA PRO B 465 21.74 3.77 16.33
C PRO B 465 20.75 4.90 16.12
N GLU B 466 21.13 5.94 15.39
CA GLU B 466 20.24 7.07 15.10
C GLU B 466 19.30 6.82 13.93
N GLY B 467 19.47 5.72 13.20
CA GLY B 467 18.65 5.49 12.03
C GLY B 467 18.95 6.42 10.88
N LEU B 468 20.17 6.96 10.83
CA LEU B 468 20.50 7.94 9.79
C LEU B 468 20.30 7.38 8.39
N PHE B 469 20.56 6.08 8.20
CA PHE B 469 20.49 5.45 6.89
C PHE B 469 19.22 4.67 6.68
N ILE B 470 18.19 4.91 7.49
CA ILE B 470 16.88 4.35 7.19
C ILE B 470 16.27 5.24 6.12
N ASN B 471 16.65 5.00 4.87
CA ASN B 471 16.41 5.98 3.83
C ASN B 471 15.57 5.50 2.66
N HIS B 472 15.17 4.23 2.63
CA HIS B 472 14.25 3.73 1.61
C HIS B 472 13.31 2.68 2.23
N ARG B 473 12.33 2.26 1.43
CA ARG B 473 11.20 1.51 1.98
C ARG B 473 11.62 0.17 2.56
N GLN B 474 12.69 -0.44 2.05
CA GLN B 474 13.16 -1.72 2.60
C GLN B 474 14.51 -1.60 3.29
N SER B 475 14.85 -0.40 3.77
CA SER B 475 15.94 -0.23 4.73
C SER B 475 15.72 -1.14 5.94
N ILE B 476 16.82 -1.63 6.51
CA ILE B 476 16.76 -2.44 7.72
C ILE B 476 16.30 -1.56 8.88
N PRO B 477 15.23 -1.92 9.58
CA PRO B 477 14.77 -1.08 10.71
C PRO B 477 15.61 -1.37 11.95
N LEU B 478 15.47 -0.50 12.93
CA LEU B 478 16.06 -0.75 14.23
C LEU B 478 15.21 -1.75 15.01
N PRO B 479 15.82 -2.51 15.95
CA PRO B 479 15.09 -3.38 16.87
C PRO B 479 14.07 -2.60 17.68
#